data_6EJ9
#
_entry.id   6EJ9
#
_cell.length_a   67.380
_cell.length_b   86.820
_cell.length_c   153.200
_cell.angle_alpha   90.000
_cell.angle_beta   90.000
_cell.angle_gamma   90.000
#
_symmetry.space_group_name_H-M   'P 21 21 21'
#
loop_
_entity.id
_entity.type
_entity.pdbx_description
1 polymer 'Xylosyltransferase 1'
2 polymer 'Protein AMBP'
3 non-polymer 'PHOSPHATE ION'
4 non-polymer 'SODIUM ION'
5 water water
#
loop_
_entity_poly.entity_id
_entity_poly.type
_entity_poly.pdbx_seq_one_letter_code
_entity_poly.pdbx_strand_id
1 'polypeptide(L)'
;APLVHHHHHHALDENLYFQGALADVSRPPHARKTGGSSPETKYDQPPKCDISGKEAISALSRAKSKHCRQEIGETYCRHK
LGLLMPEKVTRFCPLEGKANKNVQWDEDSVEYMPANPVRIAFVLVVHGRASRQLQRMFKAIYHKDHFYYIHVDKRSNYLH
RQVLQVSRQYSNVRVTPWRMATIWGGASLLSTYLQSMRDLLEMTDWPWDFFINLSAADYPIRTNDQLVAFLSRYRDMNFL
KSHGRDNARFIRKQGLDRLFLECDAHMWRLGDRRIPEGIAVDGGSDWFLLNRRFVEYVTFSTDDLVTKMKQFYSYTLLPA
ESFFHTVLENSPHCDTMVDNNLRITNWNRKLGCKCQYKHIVDWCGCSPNDFKPQDFHRFQQTARPTFFARKFEAVVNQEI
IGQLDYYLYGNYPAGTPGLRSYWENVYDEPDGIHSLSDVTLTLYHSFARLGLRRAETSLHTDGENSCRYYPMGHPASVHL
YFLADRFQGFLIKHHATNLAVSKLETLETWVMPKKVFKIASPPSDFGRLQFSEVGTDWDAKERLFRNFGGLLGPMDEPVG
MQKWGKGPNVTVTVIWVDPVNVIAATYDILIESTAEFTHYKPPLNLPLRPGVWTVKILHHWVPVAETKFLVAPLTFSNRQ
PIKPEEALKLHNGPLRNAYMEQSFQSLNPVLSLPINPAQVEQARRNAASTGTALEGWLDSLVGGMWTAMDICATGPTACP
VMQTCSQTAWSSFSPDPKSELGAVKPDGRLR
;
A
2 'polypeptide(L)' QEPEGSGGGQG B
#
loop_
_chem_comp.id
_chem_comp.type
_chem_comp.name
_chem_comp.formula
NA non-polymer 'SODIUM ION' 'Na 1'
PO4 non-polymer 'PHOSPHATE ION' 'O4 P -3'
#
# COMPACT_ATOMS: atom_id res chain seq x y z
N ASP A 44 8.89 21.57 30.05
CA ASP A 44 8.14 22.25 29.01
C ASP A 44 8.49 23.74 28.97
N GLN A 45 9.67 24.05 28.44
CA GLN A 45 10.13 25.42 28.41
C GLN A 45 9.37 26.23 27.36
N PRO A 46 9.15 27.52 27.61
CA PRO A 46 8.41 28.35 26.64
C PRO A 46 9.25 28.57 25.38
N PRO A 47 8.64 29.11 24.33
CA PRO A 47 9.39 29.32 23.08
C PRO A 47 10.36 30.48 23.19
N LYS A 48 11.29 30.52 22.24
CA LYS A 48 12.24 31.62 22.15
C LYS A 48 11.62 32.89 21.60
N CYS A 49 10.36 32.83 21.15
CA CYS A 49 9.69 34.02 20.63
C CYS A 49 8.19 33.81 20.78
N ASP A 50 7.45 34.92 20.78
CA ASP A 50 6.00 34.84 20.83
C ASP A 50 5.47 34.17 19.56
N ILE A 51 4.58 33.20 19.74
CA ILE A 51 4.03 32.41 18.65
C ILE A 51 2.56 32.80 18.49
N SER A 52 2.24 33.51 17.41
CA SER A 52 0.89 34.00 17.18
C SER A 52 0.25 33.49 15.89
N GLY A 53 1.00 32.84 15.00
CA GLY A 53 0.43 32.34 13.77
C GLY A 53 -0.56 31.22 14.04
N LYS A 54 -1.74 31.31 13.41
CA LYS A 54 -2.78 30.30 13.64
C LYS A 54 -2.31 28.91 13.27
N GLU A 55 -1.53 28.77 12.19
CA GLU A 55 -1.11 27.45 11.75
C GLU A 55 -0.11 26.82 12.71
N ALA A 56 0.82 27.62 13.24
CA ALA A 56 1.83 27.08 14.15
C ALA A 56 1.20 26.66 15.48
N ILE A 57 0.25 27.45 15.99
CA ILE A 57 -0.41 27.10 17.24
C ILE A 57 -1.19 25.80 17.09
N SER A 58 -1.84 25.61 15.94
CA SER A 58 -2.54 24.36 15.68
C SER A 58 -1.58 23.18 15.67
N ALA A 59 -0.40 23.35 15.06
CA ALA A 59 0.57 22.26 15.00
C ALA A 59 1.14 21.95 16.38
N LEU A 60 1.37 22.99 17.20
CA LEU A 60 1.87 22.76 18.55
C LEU A 60 0.84 22.06 19.41
N SER A 61 -0.45 22.33 19.19
CA SER A 61 -1.49 21.66 19.99
C SER A 61 -1.67 20.21 19.58
N ARG A 62 -1.40 19.88 18.31
CA ARG A 62 -1.57 18.51 17.83
C ARG A 62 -0.31 17.66 17.96
N ALA A 63 0.86 18.28 18.03
CA ALA A 63 2.10 17.52 18.15
C ALA A 63 2.08 16.71 19.45
N LYS A 64 2.82 15.60 19.44
CA LYS A 64 2.81 14.66 20.55
C LYS A 64 4.08 14.68 21.39
N SER A 65 5.25 14.65 20.75
CA SER A 65 6.51 14.60 21.49
C SER A 65 6.99 15.99 21.85
N LYS A 66 7.73 16.08 22.96
CA LYS A 66 8.35 17.34 23.35
C LYS A 66 9.38 17.77 22.31
N HIS A 67 10.16 16.82 21.78
CA HIS A 67 11.14 17.15 20.76
C HIS A 67 10.49 17.76 19.53
N CYS A 68 9.27 17.35 19.19
CA CYS A 68 8.60 17.87 18.01
C CYS A 68 8.06 19.28 18.26
N ARG A 69 7.45 19.51 19.42
CA ARG A 69 6.98 20.85 19.76
C ARG A 69 8.13 21.83 19.80
N GLN A 70 9.29 21.40 20.31
CA GLN A 70 10.44 22.29 20.38
C GLN A 70 10.95 22.64 18.98
N GLU A 71 11.01 21.66 18.08
CA GLU A 71 11.51 21.93 16.73
C GLU A 71 10.52 22.78 15.94
N ILE A 72 9.22 22.58 16.17
CA ILE A 72 8.21 23.46 15.58
C ILE A 72 8.44 24.90 16.02
N GLY A 73 8.69 25.10 17.31
CA GLY A 73 8.90 26.45 17.83
C GLY A 73 10.13 27.11 17.25
N GLU A 74 11.24 26.36 17.16
CA GLU A 74 12.48 26.93 16.64
C GLU A 74 12.35 27.30 15.17
N THR A 75 11.71 26.44 14.37
CA THR A 75 11.52 26.74 12.95
C THR A 75 10.69 28.01 12.78
N TYR A 76 9.55 28.09 13.49
CA TYR A 76 8.69 29.26 13.39
C TYR A 76 9.43 30.54 13.77
N CYS A 77 10.18 30.50 14.87
CA CYS A 77 10.82 31.72 15.35
C CYS A 77 11.99 32.14 14.46
N ARG A 78 12.71 31.17 13.88
CA ARG A 78 13.76 31.50 12.92
C ARG A 78 13.17 32.16 11.67
N HIS A 79 12.07 31.59 11.16
CA HIS A 79 11.38 32.21 10.03
C HIS A 79 10.81 33.57 10.40
N LYS A 80 10.35 33.71 11.65
CA LYS A 80 9.82 34.99 12.11
C LYS A 80 10.85 36.10 11.97
N LEU A 81 12.11 35.83 12.30
CA LEU A 81 13.17 36.83 12.22
C LEU A 81 13.77 36.95 10.82
N GLY A 82 13.25 36.21 9.84
CA GLY A 82 13.77 36.30 8.48
C GLY A 82 15.11 35.63 8.29
N LEU A 83 15.45 34.65 9.11
CA LEU A 83 16.74 33.98 9.06
C LEU A 83 16.66 32.56 8.51
N LEU A 84 15.48 32.06 8.15
CA LEU A 84 15.32 30.68 7.76
C LEU A 84 15.32 30.47 6.24
N MET A 85 14.60 31.32 5.49
CA MET A 85 14.40 31.13 4.06
C MET A 85 15.17 32.16 3.23
N PRO A 86 15.68 31.79 2.07
CA PRO A 86 16.29 32.79 1.18
C PRO A 86 15.25 33.65 0.48
N GLU A 87 15.60 34.91 0.27
CA GLU A 87 14.71 35.89 -0.34
C GLU A 87 15.06 36.20 -1.79
N LYS A 88 16.32 36.09 -2.18
CA LYS A 88 16.72 36.29 -3.57
C LYS A 88 17.84 35.32 -3.91
N VAL A 89 17.84 34.84 -5.15
CA VAL A 89 18.76 33.79 -5.58
C VAL A 89 19.30 34.14 -6.96
N THR A 90 20.57 33.82 -7.19
CA THR A 90 21.21 34.08 -8.48
C THR A 90 20.79 33.04 -9.51
N ARG A 91 20.53 33.51 -10.73
CA ARG A 91 20.21 32.66 -11.87
C ARG A 91 21.41 32.60 -12.79
N PHE A 92 21.90 31.38 -13.06
CA PHE A 92 23.10 31.20 -13.87
C PHE A 92 22.80 30.79 -15.31
N CYS A 93 21.56 30.46 -15.62
CA CYS A 93 21.22 30.05 -16.99
C CYS A 93 21.30 31.26 -17.92
N PRO A 94 21.97 31.14 -19.07
CA PRO A 94 22.02 32.26 -20.03
C PRO A 94 20.80 32.36 -20.93
N LEU A 95 19.87 31.43 -20.85
CA LEU A 95 18.70 31.45 -21.72
C LEU A 95 17.66 32.44 -21.20
N GLU A 96 16.92 33.03 -22.13
CA GLU A 96 15.85 33.96 -21.76
C GLU A 96 14.71 33.25 -21.05
N GLY A 97 14.47 31.97 -21.39
CA GLY A 97 13.41 31.21 -20.76
C GLY A 97 13.76 29.75 -20.60
N LYS A 98 12.86 28.86 -21.03
CA LYS A 98 13.10 27.43 -20.97
C LYS A 98 13.71 26.94 -22.28
N ALA A 99 14.24 25.72 -22.25
CA ALA A 99 14.91 25.13 -23.42
C ALA A 99 13.93 24.32 -24.24
N ASN A 100 13.46 23.20 -23.68
CA ASN A 100 12.50 22.33 -24.35
C ASN A 100 13.13 21.69 -25.59
N LYS A 101 14.17 20.89 -25.39
CA LYS A 101 14.80 20.17 -26.49
C LYS A 101 13.92 19.01 -26.93
N ASN A 102 13.98 18.70 -28.22
CA ASN A 102 13.14 17.67 -28.82
C ASN A 102 13.91 16.36 -28.93
N VAL A 103 13.16 15.26 -28.85
CA VAL A 103 13.73 13.92 -28.98
C VAL A 103 12.88 13.09 -29.94
N TRP A 105 9.33 12.14 -33.27
CA TRP A 105 10.13 10.99 -32.88
C TRP A 105 9.82 9.77 -33.74
N ASP A 106 10.87 9.06 -34.15
CA ASP A 106 10.74 7.87 -34.98
C ASP A 106 10.99 6.63 -34.14
N GLU A 107 10.12 5.64 -34.28
CA GLU A 107 10.25 4.41 -33.50
C GLU A 107 11.47 3.59 -33.92
N ASP A 108 11.90 3.73 -35.18
CA ASP A 108 13.07 3.00 -35.65
C ASP A 108 14.38 3.50 -35.05
N SER A 109 14.37 4.66 -34.40
CA SER A 109 15.57 5.19 -33.78
C SER A 109 16.11 4.30 -32.68
N VAL A 110 15.28 3.43 -32.10
CA VAL A 110 15.67 2.62 -30.95
C VAL A 110 16.20 1.25 -31.35
N GLU A 111 16.34 0.98 -32.64
CA GLU A 111 16.69 -0.36 -33.12
C GLU A 111 18.19 -0.54 -33.37
N TYR A 112 18.98 0.53 -33.37
CA TYR A 112 20.40 0.42 -33.64
C TYR A 112 21.13 -0.18 -32.44
N MET A 113 22.38 -0.59 -32.68
CA MET A 113 23.22 -1.19 -31.64
C MET A 113 24.36 -0.24 -31.30
N PRO A 114 24.43 0.30 -30.08
CA PRO A 114 25.46 1.29 -29.77
C PRO A 114 26.82 0.66 -29.51
N ALA A 115 27.87 1.36 -29.93
CA ALA A 115 29.23 0.92 -29.66
C ALA A 115 29.66 1.23 -28.23
N ASN A 116 29.09 2.27 -27.62
CA ASN A 116 29.43 2.69 -26.27
C ASN A 116 28.14 2.82 -25.45
N PRO A 117 27.55 1.70 -25.07
CA PRO A 117 26.25 1.76 -24.35
C PRO A 117 26.39 2.37 -22.96
N VAL A 118 25.36 3.11 -22.56
CA VAL A 118 25.32 3.67 -21.22
C VAL A 118 25.11 2.56 -20.19
N ARG A 119 25.67 2.76 -19.01
CA ARG A 119 25.41 1.91 -17.85
C ARG A 119 24.61 2.72 -16.85
N ILE A 120 23.56 2.11 -16.29
CA ILE A 120 22.52 2.82 -15.56
C ILE A 120 22.60 2.47 -14.08
N ALA A 121 22.46 3.49 -13.23
CA ALA A 121 22.26 3.31 -11.81
C ALA A 121 20.77 3.46 -11.52
N PHE A 122 20.11 2.34 -11.20
CA PHE A 122 18.73 2.35 -10.75
C PHE A 122 18.69 2.53 -9.24
N VAL A 123 17.95 3.55 -8.78
CA VAL A 123 17.69 3.73 -7.36
C VAL A 123 16.24 3.32 -7.11
N LEU A 124 16.06 2.25 -6.34
CA LEU A 124 14.74 1.72 -6.03
C LEU A 124 14.34 2.16 -4.62
N VAL A 125 13.28 2.96 -4.54
CA VAL A 125 12.74 3.44 -3.27
C VAL A 125 11.43 2.71 -3.05
N VAL A 126 11.39 1.82 -2.05
CA VAL A 126 10.32 0.85 -1.93
C VAL A 126 9.80 0.79 -0.49
N HIS A 127 8.56 0.32 -0.35
CA HIS A 127 7.95 0.11 0.95
C HIS A 127 6.80 -0.88 0.78
N GLY A 128 6.26 -1.36 1.88
CA GLY A 128 5.12 -2.25 1.86
C GLY A 128 5.49 -3.72 1.94
N ARG A 129 4.56 -4.56 1.48
CA ARG A 129 4.68 -6.01 1.64
C ARG A 129 4.89 -6.77 0.33
N ALA A 130 4.86 -6.09 -0.82
CA ALA A 130 4.77 -6.80 -2.11
C ALA A 130 6.14 -7.20 -2.65
N SER A 131 6.83 -8.04 -1.87
CA SER A 131 8.18 -8.45 -2.23
C SER A 131 8.21 -9.27 -3.52
N ARG A 132 7.21 -10.12 -3.74
CA ARG A 132 7.26 -10.97 -4.94
C ARG A 132 7.03 -10.15 -6.20
N GLN A 133 6.26 -9.07 -6.14
CA GLN A 133 6.11 -8.21 -7.31
C GLN A 133 7.38 -7.41 -7.56
N LEU A 134 8.02 -6.92 -6.50
CA LEU A 134 9.28 -6.22 -6.68
C LEU A 134 10.33 -7.14 -7.30
N GLN A 135 10.35 -8.41 -6.86
CA GLN A 135 11.27 -9.38 -7.45
C GLN A 135 10.95 -9.60 -8.93
N ARG A 136 9.66 -9.62 -9.28
CA ARG A 136 9.28 -9.78 -10.68
C ARG A 136 9.74 -8.60 -11.52
N MET A 137 9.53 -7.38 -11.03
CA MET A 137 9.97 -6.19 -11.76
C MET A 137 11.49 -6.13 -11.86
N PHE A 138 12.19 -6.41 -10.75
CA PHE A 138 13.64 -6.46 -10.76
C PHE A 138 14.14 -7.43 -11.82
N LYS A 139 13.48 -8.58 -11.95
CA LYS A 139 13.83 -9.55 -12.98
C LYS A 139 13.71 -8.93 -14.37
N ALA A 140 12.70 -8.10 -14.60
CA ALA A 140 12.46 -7.58 -15.93
C ALA A 140 13.48 -6.51 -16.33
N ILE A 141 14.01 -5.75 -15.35
CA ILE A 141 14.90 -4.64 -15.65
C ILE A 141 16.37 -4.99 -15.43
N TYR A 142 16.69 -6.20 -14.96
CA TYR A 142 18.06 -6.50 -14.59
C TYR A 142 18.94 -6.72 -15.81
N HIS A 143 20.15 -6.16 -15.76
CA HIS A 143 21.22 -6.50 -16.67
C HIS A 143 22.54 -6.39 -15.92
N LYS A 144 23.48 -7.28 -16.24
CA LYS A 144 24.72 -7.35 -15.48
C LYS A 144 25.57 -6.10 -15.60
N ASP A 145 25.34 -5.27 -16.61
CA ASP A 145 26.14 -4.06 -16.82
C ASP A 145 25.56 -2.84 -16.12
N HIS A 146 24.36 -2.93 -15.56
CA HIS A 146 23.77 -1.83 -14.80
C HIS A 146 24.07 -2.01 -13.31
N PHE A 147 23.54 -1.09 -12.50
CA PHE A 147 23.72 -1.10 -11.06
C PHE A 147 22.40 -0.79 -10.38
N TYR A 148 22.19 -1.41 -9.21
CA TYR A 148 20.91 -1.32 -8.50
C TYR A 148 21.16 -1.02 -7.03
N TYR A 149 20.57 0.08 -6.54
CA TYR A 149 20.81 0.60 -5.19
C TYR A 149 19.44 0.83 -4.54
N ILE A 150 19.14 0.06 -3.49
CA ILE A 150 17.77 -0.14 -3.02
C ILE A 150 17.62 0.45 -1.62
N HIS A 151 16.75 1.46 -1.50
CA HIS A 151 16.39 2.06 -0.22
C HIS A 151 15.03 1.51 0.22
N VAL A 152 15.01 0.86 1.39
CA VAL A 152 13.78 0.30 1.96
C VAL A 152 13.33 1.18 3.11
N ASP A 153 12.07 1.59 3.07
CA ASP A 153 11.48 2.40 4.14
C ASP A 153 11.78 1.79 5.51
N LYS A 154 12.22 2.64 6.43
CA LYS A 154 12.55 2.20 7.79
C LYS A 154 11.44 1.37 8.42
N ARG A 155 10.19 1.63 8.06
CA ARG A 155 9.05 0.97 8.66
C ARG A 155 8.68 -0.34 7.98
N SER A 156 9.44 -0.77 6.97
CA SER A 156 9.13 -1.99 6.21
C SER A 156 10.24 -3.02 6.43
N ASN A 157 10.30 -3.58 7.63
CA ASN A 157 11.40 -4.49 7.96
C ASN A 157 11.29 -5.81 7.21
N TYR A 158 10.07 -6.34 7.03
CA TYR A 158 9.93 -7.58 6.27
C TYR A 158 10.50 -7.42 4.86
N LEU A 159 10.10 -6.36 4.16
CA LEU A 159 10.60 -6.15 2.79
C LEU A 159 12.12 -6.01 2.77
N HIS A 160 12.67 -5.38 3.81
CA HIS A 160 14.12 -5.18 3.86
C HIS A 160 14.85 -6.52 3.91
N ARG A 161 14.38 -7.44 4.76
CA ARG A 161 15.00 -8.75 4.84
C ARG A 161 14.95 -9.48 3.50
N GLN A 162 13.87 -9.32 2.75
CA GLN A 162 13.77 -9.97 1.44
C GLN A 162 14.73 -9.33 0.45
N VAL A 163 14.90 -8.01 0.52
CA VAL A 163 15.81 -7.31 -0.37
C VAL A 163 17.26 -7.66 -0.05
N LEU A 164 17.58 -7.90 1.21
CA LEU A 164 18.94 -8.32 1.57
C LEU A 164 19.31 -9.63 0.88
N GLN A 165 18.35 -10.52 0.67
CA GLN A 165 18.64 -11.77 -0.02
C GLN A 165 19.04 -11.52 -1.47
N VAL A 166 18.48 -10.48 -2.10
CA VAL A 166 18.86 -10.16 -3.48
C VAL A 166 20.25 -9.56 -3.51
N SER A 167 20.53 -8.59 -2.63
CA SER A 167 21.82 -7.93 -2.66
C SER A 167 22.95 -8.90 -2.37
N ARG A 168 22.68 -9.97 -1.62
CA ARG A 168 23.72 -10.96 -1.34
C ARG A 168 24.04 -11.84 -2.55
N GLN A 169 23.12 -11.96 -3.50
CA GLN A 169 23.32 -12.84 -4.64
C GLN A 169 24.08 -12.20 -5.79
N TYR A 170 24.03 -10.87 -5.92
CA TYR A 170 24.56 -10.19 -7.10
C TYR A 170 25.50 -9.08 -6.69
N SER A 171 26.65 -8.98 -7.39
CA SER A 171 27.66 -7.99 -7.05
C SER A 171 27.27 -6.58 -7.46
N ASN A 172 26.35 -6.43 -8.42
CA ASN A 172 25.89 -5.12 -8.85
C ASN A 172 24.59 -4.70 -8.18
N VAL A 173 24.28 -5.24 -7.00
CA VAL A 173 23.12 -4.84 -6.22
C VAL A 173 23.56 -4.53 -4.79
N ARG A 174 23.21 -3.34 -4.30
CA ARG A 174 23.52 -2.92 -2.95
C ARG A 174 22.30 -2.28 -2.31
N VAL A 175 22.25 -2.32 -0.98
CA VAL A 175 21.18 -1.70 -0.20
C VAL A 175 21.75 -0.51 0.55
N THR A 176 20.93 0.51 0.72
CA THR A 176 21.36 1.68 1.49
C THR A 176 21.50 1.28 2.96
N PRO A 177 22.63 1.57 3.62
CA PRO A 177 22.73 1.23 5.04
C PRO A 177 21.86 2.12 5.92
N TRP A 178 21.68 3.37 5.53
CA TRP A 178 20.73 4.27 6.17
C TRP A 178 19.34 4.04 5.58
N ARG A 179 18.32 4.27 6.40
CA ARG A 179 16.93 4.04 6.02
C ARG A 179 16.07 5.11 6.67
N MET A 180 15.36 5.88 5.86
CA MET A 180 14.45 6.92 6.34
C MET A 180 13.00 6.44 6.26
N ALA A 181 12.14 7.09 7.05
CA ALA A 181 10.70 6.83 6.99
C ALA A 181 10.08 7.83 6.02
N THR A 182 10.05 7.47 4.74
CA THR A 182 9.69 8.39 3.66
C THR A 182 8.17 8.48 3.53
N ILE A 183 7.56 9.26 4.43
CA ILE A 183 6.12 9.48 4.37
C ILE A 183 5.76 10.18 3.06
N TRP A 184 4.52 10.00 2.63
CA TRP A 184 4.04 10.64 1.41
C TRP A 184 4.15 12.16 1.55
N GLY A 185 4.76 12.80 0.55
CA GLY A 185 4.93 14.24 0.55
C GLY A 185 6.01 14.74 1.46
N GLY A 186 6.74 13.86 2.14
CA GLY A 186 7.69 14.31 3.15
C GLY A 186 8.92 14.96 2.54
N ALA A 187 9.49 15.88 3.32
CA ALA A 187 10.78 16.46 2.96
C ALA A 187 11.86 15.39 2.86
N SER A 188 11.69 14.28 3.58
CA SER A 188 12.72 13.25 3.64
C SER A 188 12.97 12.56 2.29
N LEU A 189 11.99 12.59 1.38
CA LEU A 189 12.21 11.94 0.08
C LEU A 189 13.30 12.64 -0.71
N LEU A 190 13.43 13.96 -0.60
CA LEU A 190 14.54 14.64 -1.27
C LEU A 190 15.85 14.35 -0.57
N SER A 191 15.86 14.31 0.76
CA SER A 191 17.05 13.90 1.49
C SER A 191 17.50 12.51 1.05
N THR A 192 16.55 11.61 0.82
CA THR A 192 16.88 10.26 0.37
C THR A 192 17.59 10.28 -0.98
N TYR A 193 17.01 10.99 -1.96
CA TYR A 193 17.61 11.04 -3.28
C TYR A 193 18.99 11.69 -3.23
N LEU A 194 19.12 12.81 -2.51
CA LEU A 194 20.40 13.52 -2.47
C LEU A 194 21.49 12.67 -1.83
N GLN A 195 21.18 12.03 -0.70
CA GLN A 195 22.17 11.16 -0.07
C GLN A 195 22.52 9.98 -0.97
N SER A 196 21.54 9.41 -1.66
CA SER A 196 21.83 8.28 -2.53
C SER A 196 22.71 8.70 -3.71
N MET A 197 22.56 9.95 -4.17
CA MET A 197 23.41 10.45 -5.25
C MET A 197 24.85 10.62 -4.80
N ARG A 198 25.04 11.18 -3.59
CA ARG A 198 26.38 11.28 -3.02
C ARG A 198 27.03 9.91 -2.86
N ASP A 199 26.29 8.95 -2.29
CA ASP A 199 26.80 7.58 -2.16
C ASP A 199 27.25 7.03 -3.51
N LEU A 200 26.39 7.16 -4.53
CA LEU A 200 26.68 6.55 -5.83
C LEU A 200 27.90 7.20 -6.49
N LEU A 201 28.06 8.51 -6.34
CA LEU A 201 29.21 9.18 -6.95
C LEU A 201 30.51 8.76 -6.29
N GLU A 202 30.47 8.37 -5.00
CA GLU A 202 31.69 7.94 -4.32
C GLU A 202 32.01 6.47 -4.56
N MET A 203 31.05 5.69 -5.06
CA MET A 203 31.33 4.31 -5.45
C MET A 203 32.16 4.29 -6.73
N THR A 204 33.48 4.26 -6.57
CA THR A 204 34.37 4.36 -7.72
C THR A 204 34.26 3.15 -8.64
N ASP A 205 33.90 1.99 -8.11
CA ASP A 205 33.84 0.76 -8.90
C ASP A 205 32.55 0.65 -9.72
N TRP A 206 31.67 1.65 -9.68
CA TRP A 206 30.40 1.64 -10.42
C TRP A 206 30.38 2.83 -11.38
N PRO A 207 30.92 2.68 -12.60
CA PRO A 207 30.93 3.81 -13.57
C PRO A 207 29.63 3.97 -14.35
N TRP A 208 28.65 4.60 -13.71
CA TRP A 208 27.33 4.78 -14.29
C TRP A 208 27.22 6.13 -15.02
N ASP A 209 26.25 6.19 -15.94
CA ASP A 209 26.04 7.36 -16.79
C ASP A 209 24.71 8.06 -16.57
N PHE A 210 23.68 7.33 -16.12
CA PHE A 210 22.37 7.89 -15.88
C PHE A 210 21.84 7.44 -14.52
N PHE A 211 20.94 8.25 -13.96
CA PHE A 211 20.28 8.00 -12.68
C PHE A 211 18.78 7.85 -12.96
N ILE A 212 18.19 6.76 -12.48
CA ILE A 212 16.76 6.49 -12.69
C ILE A 212 16.15 6.00 -11.38
N ASN A 213 15.06 6.63 -10.95
CA ASN A 213 14.35 6.24 -9.74
C ASN A 213 13.07 5.48 -10.09
N LEU A 214 12.78 4.45 -9.28
CA LEU A 214 11.60 3.60 -9.47
C LEU A 214 11.07 3.16 -8.11
N SER A 215 9.77 2.89 -8.05
CA SER A 215 9.13 2.33 -6.87
C SER A 215 8.75 0.88 -7.15
N ALA A 216 8.22 0.21 -6.12
CA ALA A 216 7.72 -1.14 -6.28
C ALA A 216 6.45 -1.20 -7.12
N ALA A 217 5.89 -0.05 -7.49
CA ALA A 217 4.67 0.01 -8.31
C ALA A 217 4.94 0.46 -9.75
N ASP A 218 6.21 0.53 -10.16
CA ASP A 218 6.58 0.82 -11.53
C ASP A 218 6.82 -0.48 -12.31
N TYR A 219 6.79 -0.37 -13.64
CA TYR A 219 7.14 -1.48 -14.54
C TYR A 219 7.64 -0.94 -15.86
N PRO A 220 8.59 -1.62 -16.50
CA PRO A 220 9.01 -1.20 -17.84
C PRO A 220 7.95 -1.51 -18.88
N ILE A 221 7.90 -0.67 -19.91
CA ILE A 221 7.04 -0.91 -21.07
C ILE A 221 7.84 -1.01 -22.36
N ARG A 222 9.18 -1.07 -22.26
CA ARG A 222 10.03 -1.40 -23.39
C ARG A 222 11.23 -2.18 -22.87
N THR A 223 11.88 -2.91 -23.77
CA THR A 223 12.98 -3.78 -23.39
C THR A 223 14.19 -2.97 -22.95
N ASN A 224 15.08 -3.64 -22.21
CA ASN A 224 16.32 -3.00 -21.77
C ASN A 224 17.17 -2.57 -22.96
N ASP A 225 17.21 -3.39 -24.01
CA ASP A 225 17.99 -3.03 -25.19
C ASP A 225 17.52 -1.71 -25.79
N GLN A 226 16.20 -1.50 -25.84
CA GLN A 226 15.66 -0.27 -26.41
C GLN A 226 15.95 0.93 -25.50
N LEU A 227 15.89 0.73 -24.18
CA LEU A 227 16.22 1.81 -23.25
C LEU A 227 17.66 2.23 -23.41
N VAL A 228 18.58 1.27 -23.46
CA VAL A 228 20.00 1.59 -23.57
C VAL A 228 20.27 2.33 -24.88
N ALA A 229 19.69 1.86 -25.98
CA ALA A 229 19.95 2.49 -27.27
C ALA A 229 19.48 3.94 -27.28
N PHE A 230 18.32 4.21 -26.67
CA PHE A 230 17.78 5.56 -26.65
C PHE A 230 18.67 6.48 -25.82
N LEU A 231 19.06 6.05 -24.62
CA LEU A 231 19.84 6.90 -23.72
C LEU A 231 21.28 7.06 -24.21
N SER A 232 21.80 6.06 -24.93
CA SER A 232 23.13 6.19 -25.52
C SER A 232 23.15 7.26 -26.60
N ARG A 233 22.01 7.51 -27.23
CA ARG A 233 21.91 8.55 -28.26
C ARG A 233 21.77 9.94 -27.66
N TYR A 234 21.24 10.06 -26.43
CA TYR A 234 20.93 11.34 -25.81
C TYR A 234 21.61 11.47 -24.44
N ARG A 235 22.88 11.07 -24.34
CA ARG A 235 23.47 10.90 -23.03
C ARG A 235 23.77 12.21 -22.32
N ASP A 236 23.70 13.35 -23.01
CA ASP A 236 23.93 14.65 -22.38
C ASP A 236 22.62 15.35 -22.02
N MET A 237 21.49 14.67 -22.11
CA MET A 237 20.19 15.26 -21.81
C MET A 237 19.73 14.87 -20.39
N ASN A 238 18.78 15.65 -19.89
CA ASN A 238 18.08 15.36 -18.63
C ASN A 238 16.59 15.32 -18.91
N PHE A 239 15.90 14.36 -18.27
CA PHE A 239 14.51 14.06 -18.58
C PHE A 239 13.63 14.33 -17.35
N LEU A 240 12.92 15.45 -17.39
CA LEU A 240 12.00 15.88 -16.35
C LEU A 240 10.73 16.40 -17.00
N LYS A 241 9.57 16.06 -16.44
CA LYS A 241 8.29 16.48 -16.99
C LYS A 241 7.66 17.57 -16.13
N SER A 242 7.25 18.67 -16.76
CA SER A 242 6.64 19.79 -16.07
C SER A 242 5.13 19.59 -15.95
N HIS A 243 4.51 20.41 -15.09
CA HIS A 243 3.11 20.19 -14.71
C HIS A 243 2.18 20.26 -15.91
N GLY A 244 2.36 21.25 -16.78
CA GLY A 244 1.52 21.38 -17.95
C GLY A 244 0.24 22.16 -17.70
N ARG A 245 0.35 23.27 -16.97
CA ARG A 245 -0.80 24.09 -16.63
C ARG A 245 -0.31 25.50 -16.35
N ASP A 246 -1.13 26.30 -15.67
CA ASP A 246 -0.72 27.64 -15.28
C ASP A 246 0.27 27.55 -14.11
N ASN A 247 1.41 28.21 -14.25
CA ASN A 247 2.47 28.07 -13.25
C ASN A 247 2.06 28.68 -11.92
N ALA A 248 1.32 29.78 -11.94
CA ALA A 248 0.84 30.38 -10.69
C ALA A 248 -0.09 29.44 -9.95
N ARG A 249 -0.95 28.73 -10.69
CA ARG A 249 -1.84 27.77 -10.04
C ARG A 249 -1.07 26.56 -9.52
N PHE A 250 -0.05 26.11 -10.26
CA PHE A 250 0.77 25.01 -9.79
C PHE A 250 1.40 25.33 -8.44
N ILE A 251 1.93 26.54 -8.28
CA ILE A 251 2.57 26.92 -7.02
C ILE A 251 1.58 26.83 -5.86
N ARG A 252 0.35 27.32 -6.06
CA ARG A 252 -0.62 27.31 -4.97
C ARG A 252 -1.11 25.90 -4.67
N LYS A 253 -1.35 25.08 -5.69
CA LYS A 253 -1.84 23.72 -5.46
C LYS A 253 -0.79 22.87 -4.75
N GLN A 254 0.48 23.06 -5.06
CA GLN A 254 1.56 22.33 -4.42
C GLN A 254 1.87 22.84 -3.01
N GLY A 255 1.28 23.96 -2.61
CA GLY A 255 1.66 24.59 -1.35
C GLY A 255 3.11 25.03 -1.31
N LEU A 256 3.68 25.38 -2.45
CA LEU A 256 5.07 25.81 -2.48
C LEU A 256 5.27 27.13 -1.74
N ASP A 257 4.23 27.96 -1.67
CA ASP A 257 4.30 29.23 -0.95
C ASP A 257 3.97 29.07 0.54
N ARG A 258 4.02 27.84 1.07
CA ARG A 258 3.76 27.57 2.47
C ARG A 258 4.98 26.89 3.10
N LEU A 259 5.19 27.16 4.38
CA LEU A 259 6.32 26.58 5.11
C LEU A 259 5.89 25.30 5.80
N PHE A 260 6.63 24.22 5.56
CA PHE A 260 6.34 22.90 6.13
C PHE A 260 7.55 22.40 6.92
N LEU A 261 7.28 21.52 7.89
CA LEU A 261 8.31 20.87 8.68
C LEU A 261 7.95 19.40 8.89
N GLU A 262 8.91 18.51 8.63
CA GLU A 262 8.71 17.09 8.85
C GLU A 262 9.21 16.72 10.25
N CYS A 263 8.32 16.15 11.06
CA CYS A 263 8.68 15.72 12.41
C CYS A 263 7.63 14.74 12.92
N ASP A 264 8.09 13.69 13.59
CA ASP A 264 7.20 12.63 14.10
C ASP A 264 6.39 12.00 12.97
N ALA A 265 7.05 11.78 11.82
CA ALA A 265 6.41 11.14 10.66
C ALA A 265 5.15 11.90 10.24
N HIS A 266 5.23 13.23 10.27
CA HIS A 266 4.12 14.10 9.88
C HIS A 266 4.69 15.37 9.26
N MET A 267 3.99 15.92 8.26
CA MET A 267 4.36 17.19 7.64
C MET A 267 3.46 18.29 8.20
N TRP A 268 4.03 19.13 9.06
CA TRP A 268 3.28 20.19 9.73
C TRP A 268 3.38 21.49 8.93
N ARG A 269 2.22 22.12 8.68
CA ARG A 269 2.19 23.41 8.00
C ARG A 269 2.28 24.52 9.04
N LEU A 270 3.26 25.41 8.86
CA LEU A 270 3.59 26.41 9.88
C LEU A 270 3.32 27.85 9.47
N GLY A 271 2.96 28.11 8.23
CA GLY A 271 2.63 29.45 7.81
C GLY A 271 3.00 29.68 6.36
N ASP A 272 3.01 30.95 5.98
CA ASP A 272 3.29 31.38 4.62
C ASP A 272 4.76 31.72 4.45
N ARG A 273 5.18 31.84 3.19
CA ARG A 273 6.54 32.27 2.85
C ARG A 273 6.52 32.80 1.43
N ARG A 274 7.52 33.61 1.12
CA ARG A 274 7.63 34.21 -0.20
C ARG A 274 8.44 33.31 -1.13
N ILE A 275 8.03 33.27 -2.40
CA ILE A 275 8.85 32.64 -3.44
C ILE A 275 10.11 33.49 -3.64
N PRO A 276 11.30 32.91 -3.65
CA PRO A 276 12.51 33.74 -3.84
C PRO A 276 12.49 34.45 -5.18
N GLU A 277 13.02 35.66 -5.19
CA GLU A 277 13.07 36.48 -6.39
C GLU A 277 14.30 36.14 -7.22
N GLY A 278 14.20 36.40 -8.53
CA GLY A 278 15.32 36.25 -9.42
C GLY A 278 15.42 34.91 -10.13
N ILE A 279 14.61 33.93 -9.76
CA ILE A 279 14.66 32.61 -10.36
C ILE A 279 13.27 32.22 -10.84
N ALA A 280 13.24 31.33 -11.83
CA ALA A 280 12.00 30.74 -12.29
C ALA A 280 11.76 29.44 -11.54
N VAL A 281 10.59 29.31 -10.93
CA VAL A 281 10.22 28.13 -10.17
C VAL A 281 9.31 27.26 -11.03
N ASP A 282 9.64 25.97 -11.11
CA ASP A 282 8.90 25.02 -11.94
C ASP A 282 8.82 23.69 -11.22
N GLY A 283 8.06 22.76 -11.79
CA GLY A 283 7.93 21.45 -11.20
C GLY A 283 6.93 20.60 -11.98
N GLY A 284 6.74 19.38 -11.48
CA GLY A 284 5.86 18.42 -12.11
C GLY A 284 5.96 17.05 -11.47
N SER A 285 6.39 16.05 -12.24
CA SER A 285 6.53 14.69 -11.72
C SER A 285 7.87 14.52 -11.02
N ASP A 286 7.88 13.75 -9.93
CA ASP A 286 9.13 13.42 -9.24
C ASP A 286 9.71 12.08 -9.69
N TRP A 287 9.34 11.60 -10.88
CA TRP A 287 9.98 10.45 -11.53
C TRP A 287 10.72 10.97 -12.76
N PHE A 288 12.03 10.70 -12.81
CA PHE A 288 12.90 11.37 -13.79
C PHE A 288 14.09 10.49 -14.16
N LEU A 289 14.91 11.00 -15.08
CA LEU A 289 16.19 10.39 -15.46
C LEU A 289 17.21 11.51 -15.62
N LEU A 290 18.28 11.47 -14.83
CA LEU A 290 19.29 12.52 -14.80
C LEU A 290 20.67 11.95 -15.11
N ASN A 291 21.43 12.65 -15.96
CA ASN A 291 22.75 12.17 -16.33
C ASN A 291 23.77 12.51 -15.24
N ARG A 292 24.91 11.82 -15.29
CA ARG A 292 25.88 11.89 -14.19
C ARG A 292 26.41 13.30 -14.01
N ARG A 293 26.59 14.05 -15.10
CA ARG A 293 27.17 15.38 -15.01
C ARG A 293 26.30 16.31 -14.19
N PHE A 294 24.97 16.22 -14.34
CA PHE A 294 24.07 17.07 -13.56
C PHE A 294 23.97 16.60 -12.12
N VAL A 295 24.01 15.29 -11.88
CA VAL A 295 24.01 14.79 -10.51
C VAL A 295 25.25 15.27 -9.77
N GLU A 296 26.40 15.28 -10.45
CA GLU A 296 27.62 15.81 -9.86
C GLU A 296 27.43 17.28 -9.45
N TYR A 297 26.87 18.09 -10.35
CA TYR A 297 26.61 19.49 -10.04
C TYR A 297 25.72 19.63 -8.80
N VAL A 298 24.59 18.93 -8.78
CA VAL A 298 23.68 19.04 -7.64
C VAL A 298 24.39 18.69 -6.34
N THR A 299 25.27 17.68 -6.38
CA THR A 299 25.84 17.13 -5.15
C THR A 299 26.98 18.00 -4.61
N PHE A 300 27.85 18.52 -5.49
CA PHE A 300 29.09 19.14 -5.06
C PHE A 300 29.18 20.64 -5.29
N SER A 301 28.24 21.24 -6.03
CA SER A 301 28.30 22.67 -6.27
C SER A 301 28.03 23.45 -4.98
N THR A 302 28.78 24.54 -4.80
CA THR A 302 28.57 25.44 -3.67
C THR A 302 28.10 26.81 -4.11
N ASP A 303 27.58 26.94 -5.33
CA ASP A 303 27.16 28.24 -5.81
C ASP A 303 25.86 28.67 -5.13
N ASP A 304 25.48 29.93 -5.37
CA ASP A 304 24.34 30.53 -4.69
C ASP A 304 23.04 29.76 -4.95
N LEU A 305 22.89 29.19 -6.14
CA LEU A 305 21.63 28.54 -6.50
C LEU A 305 21.44 27.23 -5.74
N VAL A 306 22.46 26.35 -5.76
CA VAL A 306 22.32 25.04 -5.13
C VAL A 306 22.24 25.15 -3.62
N THR A 307 23.02 26.08 -3.05
CA THR A 307 23.03 26.26 -1.60
C THR A 307 21.66 26.70 -1.10
N LYS A 308 21.10 27.76 -1.68
CA LYS A 308 19.85 28.31 -1.19
C LYS A 308 18.66 27.40 -1.49
N MET A 309 18.71 26.63 -2.59
CA MET A 309 17.60 25.75 -2.90
C MET A 309 17.58 24.52 -2.00
N LYS A 310 18.75 24.05 -1.57
CA LYS A 310 18.77 22.96 -0.59
C LYS A 310 18.18 23.40 0.75
N GLN A 311 18.39 24.66 1.13
CA GLN A 311 17.77 25.17 2.36
C GLN A 311 16.27 25.33 2.17
N PHE A 312 15.86 25.92 1.05
CA PHE A 312 14.44 26.15 0.78
C PHE A 312 13.65 24.84 0.78
N TYR A 313 14.17 23.82 0.07
CA TYR A 313 13.44 22.57 -0.09
C TYR A 313 13.58 21.63 1.09
N SER A 314 14.32 22.01 2.13
CA SER A 314 14.31 21.25 3.38
C SER A 314 13.01 21.42 4.15
N TYR A 315 12.24 22.47 3.86
CA TYR A 315 11.00 22.80 4.55
C TYR A 315 9.85 22.90 3.55
N THR A 316 9.78 21.96 2.61
CA THR A 316 8.84 22.02 1.50
C THR A 316 8.07 20.71 1.40
N LEU A 317 6.77 20.82 1.11
CA LEU A 317 5.95 19.65 0.80
C LEU A 317 6.21 19.19 -0.64
N LEU A 318 6.24 17.86 -0.81
CA LEU A 318 6.50 17.25 -2.12
C LEU A 318 7.75 17.84 -2.78
N PRO A 319 8.89 17.81 -2.09
CA PRO A 319 10.06 18.56 -2.60
C PRO A 319 10.60 18.03 -3.91
N ALA A 320 10.61 16.70 -4.11
CA ALA A 320 11.17 16.13 -5.33
C ALA A 320 10.33 16.43 -6.57
N GLU A 321 9.12 16.96 -6.41
CA GLU A 321 8.34 17.38 -7.56
C GLU A 321 8.72 18.76 -8.05
N SER A 322 9.64 19.45 -7.37
CA SER A 322 9.99 20.81 -7.77
C SER A 322 11.48 21.15 -7.71
N PHE A 323 12.26 20.58 -6.80
CA PHE A 323 13.66 20.97 -6.61
C PHE A 323 14.50 20.75 -7.87
N PHE A 324 14.39 19.57 -8.50
CA PHE A 324 15.26 19.28 -9.63
C PHE A 324 14.89 20.11 -10.87
N HIS A 325 13.59 20.37 -11.08
CA HIS A 325 13.20 21.27 -12.16
C HIS A 325 13.76 22.67 -11.94
N THR A 326 13.61 23.20 -10.72
CA THR A 326 13.99 24.59 -10.46
C THR A 326 15.50 24.78 -10.56
N VAL A 327 16.28 23.83 -10.03
CA VAL A 327 17.73 23.93 -10.13
C VAL A 327 18.17 23.86 -11.59
N LEU A 328 17.71 22.84 -12.31
CA LEU A 328 18.17 22.64 -13.68
C LEU A 328 17.89 23.86 -14.55
N GLU A 329 16.66 24.38 -14.50
CA GLU A 329 16.28 25.49 -15.39
C GLU A 329 17.05 26.76 -15.10
N ASN A 330 17.55 26.93 -13.87
CA ASN A 330 18.28 28.13 -13.48
C ASN A 330 19.79 27.90 -13.41
N SER A 331 20.27 26.70 -13.71
CA SER A 331 21.68 26.36 -13.62
C SER A 331 22.38 26.53 -14.97
N PRO A 332 23.70 26.30 -15.04
CA PRO A 332 24.38 26.31 -16.34
C PRO A 332 23.99 25.15 -17.25
N HIS A 333 23.26 24.16 -16.74
CA HIS A 333 22.85 23.01 -17.54
C HIS A 333 21.43 23.16 -18.08
N CYS A 334 20.88 24.38 -18.09
CA CYS A 334 19.47 24.56 -18.44
C CYS A 334 19.17 24.08 -19.86
N ASP A 335 20.14 24.14 -20.77
CA ASP A 335 19.89 23.80 -22.16
C ASP A 335 19.93 22.29 -22.42
N THR A 336 19.98 21.46 -21.38
CA THR A 336 19.94 20.02 -21.52
C THR A 336 18.57 19.43 -21.19
N MET A 337 17.60 20.25 -20.83
CA MET A 337 16.32 19.74 -20.33
C MET A 337 15.42 19.30 -21.47
N VAL A 338 14.87 18.08 -21.36
CA VAL A 338 13.81 17.58 -22.22
C VAL A 338 12.54 17.49 -21.39
N ASP A 339 11.47 18.13 -21.86
CA ASP A 339 10.20 18.15 -21.13
C ASP A 339 9.43 16.84 -21.36
N ASN A 340 10.04 15.75 -20.91
CA ASN A 340 9.48 14.41 -21.03
C ASN A 340 10.24 13.49 -20.09
N ASN A 341 9.55 12.87 -19.13
CA ASN A 341 10.20 11.99 -18.17
C ASN A 341 10.21 10.53 -18.62
N LEU A 342 9.76 10.25 -19.84
CA LEU A 342 9.76 8.91 -20.40
C LEU A 342 8.89 7.95 -19.59
N ARG A 343 7.88 8.48 -18.90
CA ARG A 343 6.93 7.68 -18.12
C ARG A 343 5.51 7.93 -18.60
N ILE A 344 4.68 6.90 -18.47
CA ILE A 344 3.23 7.04 -18.51
C ILE A 344 2.72 6.91 -17.09
N THR A 345 2.06 7.97 -16.59
CA THR A 345 1.46 7.97 -15.26
C THR A 345 -0.06 7.95 -15.41
N ASN A 346 -0.71 7.05 -14.67
CA ASN A 346 -2.14 6.77 -14.85
C ASN A 346 -2.97 7.69 -13.95
N TRP A 347 -2.91 8.99 -14.23
CA TRP A 347 -3.71 9.95 -13.48
C TRP A 347 -5.19 9.79 -13.83
N ASN A 348 -6.03 9.72 -12.79
CA ASN A 348 -7.49 9.71 -12.94
C ASN A 348 -8.04 10.45 -11.71
N ARG A 349 -7.95 11.78 -11.76
CA ARG A 349 -8.17 12.59 -10.57
C ARG A 349 -9.63 12.57 -10.12
N LYS A 350 -10.56 12.15 -10.97
CA LYS A 350 -11.92 11.89 -10.49
C LYS A 350 -11.93 10.85 -9.38
N LEU A 351 -10.95 9.95 -9.37
CA LEU A 351 -10.83 8.91 -8.36
C LEU A 351 -9.66 9.11 -7.41
N GLY A 352 -8.54 9.63 -7.90
CA GLY A 352 -7.31 9.72 -7.12
C GLY A 352 -7.16 10.94 -6.24
N CYS A 353 -8.05 11.93 -6.35
CA CYS A 353 -8.00 13.13 -5.51
C CYS A 353 -9.12 13.05 -4.50
N LYS A 354 -8.84 12.43 -3.34
CA LYS A 354 -9.81 12.32 -2.27
C LYS A 354 -9.25 12.87 -0.95
N CYS A 355 -8.18 13.67 -1.00
CA CYS A 355 -7.51 14.17 0.19
C CYS A 355 -7.26 13.04 1.18
N GLN A 356 -6.69 11.95 0.68
CA GLN A 356 -6.55 10.71 1.45
C GLN A 356 -5.31 10.68 2.34
N TYR A 357 -4.52 11.75 2.36
CA TYR A 357 -3.33 11.82 3.19
C TYR A 357 -3.44 12.87 4.30
N LYS A 358 -4.67 13.28 4.63
CA LYS A 358 -4.86 14.36 5.60
C LYS A 358 -4.29 13.99 6.97
N HIS A 359 -4.24 12.70 7.30
CA HIS A 359 -3.66 12.26 8.56
C HIS A 359 -2.14 12.21 8.54
N ILE A 360 -1.51 12.38 7.38
CA ILE A 360 -0.07 12.34 7.26
C ILE A 360 0.53 13.72 6.97
N VAL A 361 -0.20 14.59 6.26
CA VAL A 361 0.29 15.91 5.91
C VAL A 361 -0.84 16.91 6.13
N ASP A 362 -0.46 18.18 6.38
CA ASP A 362 -1.42 19.26 6.54
C ASP A 362 -1.74 19.87 5.17
N TRP A 363 -2.31 19.03 4.29
CA TRP A 363 -2.56 19.40 2.90
C TRP A 363 -3.37 18.28 2.27
N CYS A 364 -3.93 18.55 1.09
CA CYS A 364 -4.64 17.55 0.30
C CYS A 364 -3.80 17.14 -0.89
N GLY A 365 -3.72 15.83 -1.13
CA GLY A 365 -2.91 15.30 -2.21
C GLY A 365 -3.68 14.31 -3.05
N CYS A 366 -3.08 13.97 -4.19
CA CYS A 366 -3.65 13.04 -5.16
C CYS A 366 -2.63 11.95 -5.48
N SER A 367 -3.13 10.83 -6.02
CA SER A 367 -2.27 9.72 -6.38
C SER A 367 -2.74 9.10 -7.68
N PRO A 368 -1.82 8.58 -8.50
CA PRO A 368 -2.23 7.88 -9.72
C PRO A 368 -2.94 6.56 -9.40
N ASN A 369 -3.76 6.12 -10.35
CA ASN A 369 -4.49 4.88 -10.22
C ASN A 369 -3.67 3.70 -10.74
N ASP A 370 -4.11 2.49 -10.39
CA ASP A 370 -3.51 1.27 -10.88
C ASP A 370 -4.06 0.91 -12.26
N PHE A 371 -3.17 0.47 -13.14
CA PHE A 371 -3.58 0.03 -14.48
C PHE A 371 -4.43 -1.24 -14.41
N LYS A 372 -5.31 -1.38 -15.39
CA LYS A 372 -6.18 -2.55 -15.56
C LYS A 372 -5.99 -3.10 -16.96
N PRO A 373 -6.50 -4.31 -17.23
CA PRO A 373 -6.26 -4.91 -18.56
C PRO A 373 -6.73 -4.06 -19.73
N GLN A 374 -7.82 -3.31 -19.58
CA GLN A 374 -8.30 -2.48 -20.68
C GLN A 374 -7.33 -1.37 -21.05
N ASP A 375 -6.27 -1.16 -20.28
CA ASP A 375 -5.30 -0.10 -20.52
C ASP A 375 -4.10 -0.56 -21.36
N PHE A 376 -4.04 -1.84 -21.74
CA PHE A 376 -2.83 -2.36 -22.36
C PHE A 376 -2.49 -1.59 -23.63
N HIS A 377 -3.49 -1.14 -24.38
CA HIS A 377 -3.22 -0.44 -25.63
C HIS A 377 -2.48 0.88 -25.41
N ARG A 378 -2.56 1.45 -24.21
CA ARG A 378 -1.88 2.71 -23.93
C ARG A 378 -0.37 2.55 -23.91
N PHE A 379 0.14 1.35 -23.68
CA PHE A 379 1.57 1.12 -23.62
C PHE A 379 2.21 1.08 -25.01
N GLN A 380 1.42 0.92 -26.07
CA GLN A 380 1.94 0.77 -27.42
C GLN A 380 1.95 2.08 -28.21
N GLN A 381 1.62 3.20 -27.59
CA GLN A 381 1.63 4.47 -28.29
C GLN A 381 3.05 4.87 -28.68
N THR A 382 3.17 5.58 -29.82
CA THR A 382 4.46 6.03 -30.32
C THR A 382 4.49 7.54 -30.52
N ALA A 383 3.55 8.28 -29.93
CA ALA A 383 3.57 9.73 -30.04
C ALA A 383 4.87 10.30 -29.49
N ARG A 384 5.20 9.99 -28.25
CA ARG A 384 6.44 10.38 -27.62
C ARG A 384 7.14 9.15 -27.08
N PRO A 385 8.45 9.22 -26.82
CA PRO A 385 9.15 8.07 -26.25
C PRO A 385 8.82 7.88 -24.77
N THR A 386 8.54 6.63 -24.40
CA THR A 386 8.25 6.26 -23.02
C THR A 386 8.79 4.86 -22.77
N PHE A 387 9.34 4.65 -21.58
CA PHE A 387 9.98 3.38 -21.26
C PHE A 387 9.50 2.75 -19.95
N PHE A 388 8.81 3.49 -19.07
CA PHE A 388 8.27 2.93 -17.83
C PHE A 388 6.86 3.45 -17.62
N ALA A 389 6.17 2.87 -16.65
CA ALA A 389 4.80 3.29 -16.34
C ALA A 389 4.47 2.94 -14.89
N ARG A 390 3.49 3.66 -14.34
CA ARG A 390 3.00 3.41 -12.99
C ARG A 390 1.56 3.91 -12.90
N LYS A 391 0.76 3.31 -12.01
CA LYS A 391 1.17 2.30 -11.02
C LYS A 391 0.59 0.91 -11.31
N PHE A 392 1.24 -0.12 -10.77
CA PHE A 392 0.80 -1.50 -10.85
C PHE A 392 0.76 -2.08 -9.44
N GLU A 393 -0.31 -2.83 -9.14
CA GLU A 393 -0.45 -3.52 -7.85
C GLU A 393 -1.02 -4.91 -8.09
N ALA A 394 -0.28 -5.94 -7.68
CA ALA A 394 -0.72 -7.31 -7.94
C ALA A 394 -1.92 -7.72 -7.09
N VAL A 395 -2.11 -7.09 -5.92
CA VAL A 395 -3.32 -7.36 -5.14
C VAL A 395 -4.54 -6.67 -5.70
N VAL A 396 -4.37 -5.72 -6.61
CA VAL A 396 -5.48 -5.03 -7.27
C VAL A 396 -5.77 -5.63 -8.63
N ASN A 397 -4.74 -5.80 -9.47
CA ASN A 397 -4.92 -6.45 -10.75
C ASN A 397 -3.56 -6.92 -11.26
N GLN A 398 -3.37 -8.24 -11.32
CA GLN A 398 -2.14 -8.82 -11.83
C GLN A 398 -2.22 -9.18 -13.31
N GLU A 399 -3.42 -9.37 -13.86
CA GLU A 399 -3.56 -9.75 -15.25
C GLU A 399 -2.80 -8.80 -16.17
N ILE A 400 -2.87 -7.49 -15.91
CA ILE A 400 -2.21 -6.53 -16.79
C ILE A 400 -0.70 -6.63 -16.65
N ILE A 401 -0.20 -6.95 -15.46
CA ILE A 401 1.23 -7.15 -15.29
C ILE A 401 1.70 -8.31 -16.15
N GLY A 402 0.94 -9.42 -16.11
CA GLY A 402 1.28 -10.57 -16.94
C GLY A 402 1.30 -10.23 -18.43
N GLN A 403 0.25 -9.57 -18.91
CA GLN A 403 0.19 -9.19 -20.32
C GLN A 403 1.43 -8.41 -20.73
N LEU A 404 1.87 -7.49 -19.87
CA LEU A 404 2.98 -6.61 -20.21
C LEU A 404 4.31 -7.36 -20.23
N ASP A 405 4.53 -8.24 -19.24
CA ASP A 405 5.80 -8.94 -19.13
C ASP A 405 5.98 -9.93 -20.27
N TYR A 406 4.90 -10.64 -20.66
CA TYR A 406 5.00 -11.60 -21.76
C TYR A 406 5.10 -10.90 -23.11
N TYR A 407 4.46 -9.74 -23.25
CA TYR A 407 4.58 -8.97 -24.48
C TYR A 407 6.02 -8.52 -24.70
N LEU A 408 6.75 -8.21 -23.63
CA LEU A 408 8.11 -7.70 -23.74
C LEU A 408 9.15 -8.81 -23.87
N TYR A 409 9.01 -9.89 -23.10
N TYR A 409 9.00 -9.89 -23.10
CA TYR A 409 10.04 -10.93 -23.06
CA TYR A 409 10.02 -10.93 -23.02
C TYR A 409 9.46 -12.33 -23.31
C TYR A 409 9.50 -12.32 -23.40
N GLY A 410 8.25 -12.42 -23.85
CA GLY A 410 7.71 -13.70 -24.29
C GLY A 410 7.11 -14.53 -23.16
N ASN A 411 6.36 -15.55 -23.57
CA ASN A 411 5.72 -16.43 -22.62
C ASN A 411 6.73 -17.30 -21.89
N TYR A 412 6.34 -17.77 -20.71
CA TYR A 412 7.08 -18.82 -20.03
C TYR A 412 6.78 -20.17 -20.67
N PRO A 413 7.64 -21.17 -20.46
CA PRO A 413 7.41 -22.48 -21.08
C PRO A 413 6.09 -23.09 -20.62
N ALA A 414 5.51 -23.92 -21.47
CA ALA A 414 4.28 -24.62 -21.11
C ALA A 414 4.52 -25.48 -19.87
N GLY A 415 3.52 -25.50 -18.99
CA GLY A 415 3.65 -26.22 -17.74
C GLY A 415 4.27 -25.44 -16.60
N THR A 416 4.64 -24.18 -16.83
CA THR A 416 5.19 -23.36 -15.75
C THR A 416 4.11 -23.08 -14.72
N PRO A 417 4.35 -23.38 -13.44
CA PRO A 417 3.30 -23.20 -12.42
C PRO A 417 3.26 -21.79 -11.84
N GLY A 418 2.10 -21.46 -11.27
CA GLY A 418 1.94 -20.25 -10.49
C GLY A 418 1.84 -18.96 -11.26
N LEU A 419 1.70 -19.01 -12.58
CA LEU A 419 1.71 -17.79 -13.38
C LEU A 419 0.50 -16.90 -13.08
N ARG A 420 -0.64 -17.49 -12.72
CA ARG A 420 -1.85 -16.73 -12.45
C ARG A 420 -2.11 -16.54 -10.96
N SER A 421 -1.19 -16.97 -10.10
CA SER A 421 -1.32 -16.84 -8.66
C SER A 421 -0.50 -15.67 -8.13
N TYR A 422 -0.84 -15.22 -6.92
CA TYR A 422 -0.05 -14.20 -6.24
C TYR A 422 -0.09 -14.45 -4.74
N TRP A 423 1.08 -14.33 -4.11
CA TRP A 423 1.26 -14.54 -2.67
C TRP A 423 1.90 -13.31 -2.07
N GLU A 424 1.34 -12.80 -0.97
CA GLU A 424 1.87 -11.59 -0.32
C GLU A 424 1.87 -11.78 1.20
N ASN A 425 3.07 -11.74 1.78
CA ASN A 425 3.23 -11.89 3.23
C ASN A 425 2.68 -10.69 3.98
N VAL A 426 1.82 -10.95 4.96
CA VAL A 426 1.26 -9.88 5.80
C VAL A 426 1.57 -10.07 7.28
N TYR A 427 2.22 -11.17 7.67
CA TYR A 427 2.82 -11.26 8.99
C TYR A 427 4.01 -12.20 8.92
N ASP A 428 5.13 -11.79 9.54
CA ASP A 428 6.36 -12.56 9.55
C ASP A 428 6.92 -12.55 10.96
N GLU A 429 7.16 -13.76 11.50
CA GLU A 429 7.52 -13.94 12.90
C GLU A 429 8.60 -12.98 13.41
N PRO A 430 9.70 -12.71 12.68
CA PRO A 430 10.75 -11.85 13.24
C PRO A 430 10.26 -10.49 13.72
N ASP A 431 9.10 -10.04 13.24
CA ASP A 431 8.58 -8.74 13.64
C ASP A 431 7.76 -8.79 14.92
N GLY A 432 7.37 -9.97 15.39
CA GLY A 432 6.82 -10.10 16.74
C GLY A 432 5.31 -9.88 16.77
N ILE A 433 4.66 -10.56 17.73
CA ILE A 433 3.21 -10.50 17.83
C ILE A 433 2.72 -9.11 18.25
N HIS A 434 3.58 -8.30 18.87
CA HIS A 434 3.15 -6.97 19.21
C HIS A 434 2.98 -6.07 17.99
N SER A 435 3.48 -6.48 16.82
CA SER A 435 3.21 -5.77 15.58
C SER A 435 1.87 -6.15 14.97
N LEU A 436 1.26 -7.25 15.42
CA LEU A 436 -0.12 -7.55 15.09
C LEU A 436 -1.04 -6.78 16.02
N SER A 437 -2.35 -6.89 15.79
CA SER A 437 -3.34 -6.38 16.73
C SER A 437 -3.98 -7.53 17.47
N ASP A 438 -4.76 -7.20 18.51
CA ASP A 438 -5.49 -8.23 19.22
C ASP A 438 -6.48 -8.94 18.30
N VAL A 439 -7.01 -8.24 17.31
CA VAL A 439 -7.97 -8.84 16.37
C VAL A 439 -7.27 -9.86 15.49
N THR A 440 -6.22 -9.44 14.78
CA THR A 440 -5.58 -10.36 13.83
C THR A 440 -4.88 -11.51 14.54
N LEU A 441 -4.29 -11.25 15.71
CA LEU A 441 -3.70 -12.32 16.48
C LEU A 441 -4.75 -13.35 16.89
N THR A 442 -5.90 -12.88 17.39
CA THR A 442 -6.98 -13.79 17.78
C THR A 442 -7.41 -14.66 16.61
N LEU A 443 -7.63 -14.05 15.45
CA LEU A 443 -8.21 -14.77 14.32
C LEU A 443 -7.20 -15.67 13.62
N TYR A 444 -5.95 -15.21 13.48
CA TYR A 444 -4.92 -16.09 12.93
C TYR A 444 -4.76 -17.35 13.76
N HIS A 445 -4.85 -17.23 15.09
CA HIS A 445 -4.81 -18.41 15.95
C HIS A 445 -5.98 -19.34 15.65
N SER A 446 -7.16 -18.77 15.41
CA SER A 446 -8.35 -19.60 15.19
C SER A 446 -8.31 -20.29 13.82
N PHE A 447 -7.79 -19.60 12.80
CA PHE A 447 -7.63 -20.24 11.49
C PHE A 447 -6.70 -21.45 11.58
N ALA A 448 -5.62 -21.34 12.36
CA ALA A 448 -4.70 -22.46 12.51
C ALA A 448 -5.39 -23.65 13.17
N ARG A 449 -6.19 -23.41 14.21
CA ARG A 449 -6.91 -24.50 14.85
C ARG A 449 -7.92 -25.11 13.90
N LEU A 450 -8.54 -24.29 13.04
CA LEU A 450 -9.47 -24.82 12.05
C LEU A 450 -8.77 -25.78 11.11
N GLY A 451 -7.51 -25.51 10.79
CA GLY A 451 -6.76 -26.42 9.92
C GLY A 451 -6.40 -27.72 10.61
N LEU A 452 -6.02 -27.66 11.89
CA LEU A 452 -5.72 -28.88 12.63
C LEU A 452 -6.95 -29.78 12.73
N ARG A 453 -8.13 -29.17 12.87
CA ARG A 453 -9.35 -29.97 12.93
C ARG A 453 -9.65 -30.64 11.59
N ARG A 454 -9.34 -29.96 10.48
CA ARG A 454 -9.48 -30.58 9.17
C ARG A 454 -8.54 -31.78 9.04
N ALA A 455 -7.29 -31.64 9.47
CA ALA A 455 -6.36 -32.76 9.40
C ALA A 455 -6.91 -33.98 10.13
N GLU A 456 -7.51 -33.76 11.31
CA GLU A 456 -7.97 -34.89 12.11
C GLU A 456 -9.14 -35.61 11.45
N THR A 457 -10.10 -34.87 10.91
CA THR A 457 -11.29 -35.48 10.33
C THR A 457 -11.05 -36.06 8.94
N SER A 458 -9.94 -35.72 8.28
CA SER A 458 -9.67 -36.22 6.94
C SER A 458 -9.11 -37.64 6.94
N LEU A 459 -8.66 -38.16 8.08
CA LEU A 459 -8.17 -39.52 8.18
C LEU A 459 -9.30 -40.42 8.67
N HIS A 460 -9.58 -41.47 7.93
CA HIS A 460 -10.66 -42.40 8.26
C HIS A 460 -10.03 -43.71 8.72
N THR A 461 -10.08 -43.95 10.03
CA THR A 461 -9.48 -45.14 10.62
C THR A 461 -10.26 -45.50 11.88
N ASP A 462 -10.11 -46.76 12.29
CA ASP A 462 -10.73 -47.25 13.52
C ASP A 462 -9.71 -47.47 14.63
N GLY A 463 -8.47 -47.03 14.43
CA GLY A 463 -7.45 -47.14 15.45
C GLY A 463 -6.95 -45.77 15.87
N GLU A 464 -5.69 -45.69 16.28
CA GLU A 464 -5.11 -44.41 16.66
C GLU A 464 -5.06 -43.48 15.45
N ASN A 465 -5.53 -42.25 15.62
CA ASN A 465 -5.52 -41.25 14.56
C ASN A 465 -4.18 -40.54 14.57
N SER A 466 -3.37 -40.77 13.54
CA SER A 466 -2.07 -40.15 13.41
C SER A 466 -2.12 -38.77 12.76
N CYS A 467 -3.29 -38.12 12.78
CA CYS A 467 -3.42 -36.75 12.30
C CYS A 467 -4.07 -35.85 13.35
N ARG A 468 -3.95 -36.22 14.64
CA ARG A 468 -4.38 -35.37 15.75
C ARG A 468 -3.20 -34.52 16.21
N TYR A 469 -3.43 -33.22 16.34
CA TYR A 469 -2.37 -32.27 16.67
C TYR A 469 -2.77 -31.41 17.87
N TYR A 470 -1.75 -30.87 18.53
CA TYR A 470 -1.91 -29.88 19.58
C TYR A 470 -1.15 -28.62 19.20
N PRO A 471 -1.78 -27.44 19.16
CA PRO A 471 -1.08 -26.25 18.68
C PRO A 471 -0.01 -25.76 19.66
N MET A 472 1.07 -25.21 19.10
CA MET A 472 2.23 -24.78 19.87
C MET A 472 2.63 -23.39 19.44
N GLY A 473 2.67 -22.45 20.40
CA GLY A 473 3.21 -21.13 20.11
C GLY A 473 2.25 -20.28 19.29
N HIS A 474 2.84 -19.32 18.58
CA HIS A 474 2.10 -18.37 17.77
C HIS A 474 2.37 -18.62 16.29
N PRO A 475 1.50 -18.10 15.41
CA PRO A 475 1.74 -18.26 13.96
C PRO A 475 3.12 -17.76 13.56
N ALA A 476 3.73 -18.48 12.62
CA ALA A 476 5.05 -18.11 12.14
C ALA A 476 5.02 -17.18 10.94
N SER A 477 4.01 -17.30 10.08
CA SER A 477 3.82 -16.38 8.98
C SER A 477 2.38 -16.48 8.49
N VAL A 478 1.92 -15.41 7.85
CA VAL A 478 0.61 -15.35 7.22
C VAL A 478 0.78 -14.73 5.83
N HIS A 479 0.15 -15.33 4.83
CA HIS A 479 0.17 -14.84 3.46
C HIS A 479 -1.26 -14.60 2.95
N LEU A 480 -1.42 -13.57 2.12
CA LEU A 480 -2.59 -13.45 1.27
C LEU A 480 -2.40 -14.31 0.02
N TYR A 481 -3.48 -14.93 -0.45
CA TYR A 481 -3.44 -15.83 -1.59
C TYR A 481 -4.47 -15.39 -2.63
N PHE A 482 -4.01 -15.07 -3.83
CA PHE A 482 -4.87 -14.69 -4.94
C PHE A 482 -4.69 -15.68 -6.11
N LEU A 483 -5.78 -15.92 -6.84
CA LEU A 483 -5.74 -16.76 -8.03
C LEU A 483 -6.61 -16.12 -9.11
N ALA A 484 -5.99 -15.76 -10.23
CA ALA A 484 -6.69 -15.15 -11.36
C ALA A 484 -7.43 -13.88 -10.92
N ASP A 485 -6.78 -13.10 -10.07
CA ASP A 485 -7.30 -11.83 -9.56
C ASP A 485 -8.54 -12.02 -8.68
N ARG A 486 -8.71 -13.20 -8.10
CA ARG A 486 -9.76 -13.46 -7.11
C ARG A 486 -9.11 -13.82 -5.79
N PHE A 487 -9.55 -13.14 -4.72
CA PHE A 487 -9.01 -13.39 -3.38
C PHE A 487 -9.43 -14.78 -2.91
N GLN A 488 -8.45 -15.60 -2.50
CA GLN A 488 -8.70 -16.97 -2.09
C GLN A 488 -8.67 -17.18 -0.58
N GLY A 489 -8.12 -16.23 0.18
CA GLY A 489 -8.08 -16.33 1.63
C GLY A 489 -6.66 -16.20 2.17
N PHE A 490 -6.44 -16.78 3.34
CA PHE A 490 -5.18 -16.68 4.06
C PHE A 490 -4.47 -18.03 4.10
N LEU A 491 -3.14 -17.97 4.07
CA LEU A 491 -2.28 -19.12 4.34
C LEU A 491 -1.53 -18.86 5.64
N ILE A 492 -1.71 -19.75 6.62
CA ILE A 492 -1.11 -19.61 7.94
C ILE A 492 -0.09 -20.73 8.12
N LYS A 493 1.16 -20.36 8.39
CA LYS A 493 2.18 -21.32 8.78
C LYS A 493 2.26 -21.36 10.31
N HIS A 494 2.28 -22.56 10.88
CA HIS A 494 2.22 -22.72 12.32
C HIS A 494 2.83 -24.06 12.73
N HIS A 495 3.19 -24.15 14.01
CA HIS A 495 3.80 -25.35 14.58
C HIS A 495 2.77 -26.08 15.46
N ALA A 496 2.90 -27.40 15.51
CA ALA A 496 1.97 -28.22 16.28
C ALA A 496 2.63 -29.56 16.59
N THR A 497 2.22 -30.16 17.71
CA THR A 497 2.72 -31.48 18.10
C THR A 497 1.81 -32.55 17.53
N ASN A 498 2.37 -33.43 16.70
CA ASN A 498 1.65 -34.63 16.29
C ASN A 498 1.56 -35.58 17.49
N LEU A 499 0.33 -35.83 17.96
CA LEU A 499 0.13 -36.49 19.24
C LEU A 499 0.40 -38.00 19.19
N ALA A 500 0.28 -38.63 18.02
CA ALA A 500 0.50 -40.08 17.96
C ALA A 500 1.98 -40.42 18.13
N VAL A 501 2.86 -39.64 17.50
CA VAL A 501 4.31 -39.87 17.63
C VAL A 501 4.96 -38.87 18.58
N SER A 502 4.23 -37.85 19.05
CA SER A 502 4.75 -36.91 20.04
C SER A 502 5.95 -36.15 19.49
N LYS A 503 5.79 -35.60 18.28
CA LYS A 503 6.84 -34.87 17.60
C LYS A 503 6.29 -33.56 17.07
N LEU A 504 7.11 -32.52 17.14
CA LEU A 504 6.74 -31.23 16.60
C LEU A 504 6.77 -31.26 15.07
N GLU A 505 5.82 -30.56 14.44
CA GLU A 505 5.74 -30.47 13.00
C GLU A 505 5.37 -29.04 12.61
N THR A 506 5.80 -28.64 11.42
CA THR A 506 5.51 -27.31 10.88
C THR A 506 4.58 -27.45 9.69
N LEU A 507 3.46 -26.73 9.73
CA LEU A 507 2.38 -26.89 8.76
C LEU A 507 1.97 -25.54 8.20
N GLU A 508 1.26 -25.57 7.06
CA GLU A 508 0.60 -24.39 6.51
C GLU A 508 -0.85 -24.74 6.20
N THR A 509 -1.76 -23.88 6.63
CA THR A 509 -3.20 -24.05 6.43
C THR A 509 -3.74 -22.99 5.48
N TRP A 510 -4.64 -23.40 4.61
CA TRP A 510 -5.35 -22.52 3.70
C TRP A 510 -6.80 -22.40 4.17
N VAL A 511 -7.20 -21.19 4.57
CA VAL A 511 -8.58 -20.91 4.95
C VAL A 511 -9.16 -19.92 3.93
N MET A 512 -10.43 -20.15 3.58
CA MET A 512 -11.15 -19.35 2.61
C MET A 512 -12.51 -18.95 3.17
N PRO A 513 -12.95 -17.71 2.96
CA PRO A 513 -14.24 -17.29 3.54
C PRO A 513 -15.42 -17.82 2.74
N LYS A 514 -16.47 -18.20 3.47
CA LYS A 514 -17.70 -18.66 2.84
C LYS A 514 -18.44 -17.49 2.18
N LYS A 515 -19.12 -17.80 1.07
CA LYS A 515 -19.90 -16.78 0.37
C LYS A 515 -21.17 -16.46 1.15
N VAL A 516 -21.46 -15.17 1.29
CA VAL A 516 -22.56 -14.73 2.16
C VAL A 516 -23.47 -13.73 1.46
N PHE A 517 -23.08 -13.27 0.28
CA PHE A 517 -23.92 -12.33 -0.47
C PHE A 517 -25.01 -13.11 -1.21
N LYS A 518 -26.27 -12.73 -0.97
CA LYS A 518 -27.42 -13.43 -1.53
C LYS A 518 -28.41 -12.41 -2.06
N ILE A 519 -28.68 -12.47 -3.36
CA ILE A 519 -29.69 -11.62 -3.97
C ILE A 519 -31.05 -11.94 -3.35
N PHE A 526 -35.40 -7.19 -11.65
CA PHE A 526 -34.21 -6.85 -12.44
C PHE A 526 -33.67 -5.48 -12.03
N GLY A 527 -33.10 -5.41 -10.83
CA GLY A 527 -32.56 -4.19 -10.30
C GLY A 527 -31.13 -3.94 -10.76
N ARG A 528 -30.53 -2.92 -10.17
CA ARG A 528 -29.17 -2.50 -10.52
C ARG A 528 -28.11 -3.06 -9.58
N LEU A 529 -28.50 -3.59 -8.41
CA LEU A 529 -27.53 -4.03 -7.42
C LEU A 529 -26.72 -5.21 -7.94
N GLN A 530 -25.39 -5.11 -7.82
CA GLN A 530 -24.49 -6.16 -8.25
C GLN A 530 -23.78 -6.86 -7.11
N PHE A 531 -23.46 -6.14 -6.03
CA PHE A 531 -22.71 -6.71 -4.92
C PHE A 531 -22.86 -5.83 -3.71
N SER A 532 -22.60 -6.41 -2.53
CA SER A 532 -22.68 -5.70 -1.27
C SER A 532 -21.72 -6.35 -0.29
N GLU A 533 -21.00 -5.52 0.47
CA GLU A 533 -19.94 -6.01 1.33
C GLU A 533 -19.75 -5.08 2.52
N VAL A 534 -19.34 -5.64 3.64
CA VAL A 534 -18.99 -4.89 4.84
C VAL A 534 -17.51 -5.10 5.13
N GLY A 535 -16.82 -4.01 5.48
CA GLY A 535 -15.42 -4.10 5.81
C GLY A 535 -14.91 -2.81 6.44
N THR A 536 -13.58 -2.66 6.45
CA THR A 536 -12.95 -1.43 6.93
C THR A 536 -11.78 -1.09 6.02
N ASP A 537 -11.29 0.15 6.17
CA ASP A 537 -10.18 0.67 5.37
C ASP A 537 -10.55 0.68 3.88
N TRP A 538 -11.64 1.37 3.58
CA TRP A 538 -12.12 1.48 2.21
C TRP A 538 -11.19 2.39 1.41
N ASP A 539 -10.70 1.88 0.28
CA ASP A 539 -9.82 2.63 -0.62
C ASP A 539 -10.69 3.26 -1.70
N ALA A 540 -10.95 4.57 -1.56
CA ALA A 540 -11.83 5.26 -2.50
C ALA A 540 -11.22 5.37 -3.89
N LYS A 541 -9.89 5.31 -4.00
CA LYS A 541 -9.25 5.41 -5.32
C LYS A 541 -9.42 4.11 -6.10
N GLU A 542 -9.12 2.98 -5.46
CA GLU A 542 -9.24 1.67 -6.12
C GLU A 542 -10.58 1.00 -5.85
N ARG A 543 -11.43 1.59 -5.01
CA ARG A 543 -12.78 1.07 -4.76
C ARG A 543 -12.73 -0.39 -4.27
N LEU A 544 -12.12 -0.56 -3.10
CA LEU A 544 -12.02 -1.87 -2.47
C LEU A 544 -11.59 -1.68 -1.02
N PHE A 545 -11.87 -2.70 -0.21
CA PHE A 545 -11.43 -2.72 1.18
C PHE A 545 -10.01 -3.28 1.25
N ARG A 546 -9.12 -2.51 1.89
CA ARG A 546 -7.74 -2.97 2.07
C ARG A 546 -7.59 -3.97 3.20
N ASN A 547 -8.59 -4.10 4.07
CA ASN A 547 -8.69 -5.20 5.03
C ASN A 547 -9.31 -6.38 4.27
N PHE A 548 -8.46 -7.11 3.56
CA PHE A 548 -8.95 -8.05 2.54
C PHE A 548 -9.83 -9.14 3.14
N GLY A 549 -9.45 -9.66 4.32
CA GLY A 549 -10.22 -10.75 4.90
C GLY A 549 -11.46 -10.33 5.64
N GLY A 550 -11.69 -9.02 5.81
CA GLY A 550 -12.82 -8.57 6.59
C GLY A 550 -12.72 -8.93 8.06
N LEU A 551 -11.52 -8.91 8.62
CA LEU A 551 -11.31 -9.25 10.02
C LEU A 551 -11.76 -8.09 10.90
N LEU A 552 -12.66 -8.36 11.84
CA LEU A 552 -13.25 -7.32 12.67
C LEU A 552 -13.37 -7.79 14.12
N GLY A 553 -13.18 -6.84 15.04
CA GLY A 553 -13.39 -7.08 16.45
C GLY A 553 -14.43 -6.12 17.01
N PRO A 554 -14.70 -6.22 18.31
CA PRO A 554 -15.82 -5.45 18.89
C PRO A 554 -15.63 -3.95 18.88
N MET A 555 -14.40 -3.44 18.81
CA MET A 555 -14.15 -2.01 18.79
C MET A 555 -13.95 -1.45 17.39
N ASP A 556 -14.18 -2.25 16.36
CA ASP A 556 -14.05 -1.77 15.00
C ASP A 556 -15.33 -1.08 14.55
N GLU A 557 -15.18 -0.15 13.59
CA GLU A 557 -16.29 0.65 13.07
C GLU A 557 -16.56 0.22 11.64
N PRO A 558 -17.47 -0.73 11.40
CA PRO A 558 -17.60 -1.30 10.06
C PRO A 558 -18.23 -0.33 9.07
N VAL A 559 -17.92 -0.55 7.80
CA VAL A 559 -18.39 0.28 6.69
C VAL A 559 -19.15 -0.61 5.72
N GLY A 560 -20.30 -0.13 5.25
CA GLY A 560 -21.11 -0.87 4.29
C GLY A 560 -20.96 -0.30 2.90
N MET A 561 -20.72 -1.19 1.93
CA MET A 561 -20.51 -0.81 0.54
C MET A 561 -21.49 -1.53 -0.36
N GLN A 562 -21.93 -0.84 -1.42
CA GLN A 562 -22.79 -1.41 -2.44
C GLN A 562 -22.23 -1.07 -3.82
N LYS A 563 -22.35 -2.01 -4.75
CA LYS A 563 -21.87 -1.84 -6.11
C LYS A 563 -23.06 -1.92 -7.07
N TRP A 564 -23.13 -1.00 -8.02
CA TRP A 564 -24.32 -0.81 -8.85
C TRP A 564 -23.97 -0.88 -10.33
N GLY A 565 -24.92 -1.38 -11.11
CA GLY A 565 -24.84 -1.32 -12.55
C GLY A 565 -25.60 -0.12 -13.10
N LYS A 566 -25.49 0.05 -14.41
CA LYS A 566 -26.13 1.18 -15.08
C LYS A 566 -27.64 1.03 -15.04
N GLY A 567 -28.34 2.17 -15.00
CA GLY A 567 -29.78 2.18 -14.99
C GLY A 567 -30.35 3.47 -14.44
N PRO A 568 -31.67 3.58 -14.40
CA PRO A 568 -32.30 4.80 -13.88
C PRO A 568 -32.04 4.98 -12.39
N ASN A 569 -32.12 6.22 -11.94
CA ASN A 569 -31.88 6.52 -10.54
C ASN A 569 -32.94 5.85 -9.68
N VAL A 570 -32.52 5.36 -8.51
CA VAL A 570 -33.40 4.62 -7.61
C VAL A 570 -32.98 4.90 -6.18
N THR A 571 -33.89 4.59 -5.25
CA THR A 571 -33.64 4.74 -3.82
C THR A 571 -33.90 3.40 -3.12
N VAL A 572 -33.07 3.09 -2.12
CA VAL A 572 -33.15 1.82 -1.42
C VAL A 572 -32.98 2.07 0.08
N THR A 573 -33.31 1.05 0.87
CA THR A 573 -33.24 1.09 2.32
C THR A 573 -32.22 0.08 2.82
N VAL A 574 -31.35 0.51 3.74
CA VAL A 574 -30.30 -0.33 4.31
C VAL A 574 -30.61 -0.57 5.78
N ILE A 575 -30.46 -1.82 6.21
CA ILE A 575 -30.79 -2.23 7.58
C ILE A 575 -29.65 -3.06 8.14
N TRP A 576 -29.18 -2.70 9.33
CA TRP A 576 -28.11 -3.41 10.04
C TRP A 576 -28.71 -4.17 11.22
N VAL A 577 -28.45 -5.47 11.28
CA VAL A 577 -29.03 -6.35 12.29
C VAL A 577 -27.90 -7.03 13.04
N ASP A 578 -27.96 -7.02 14.38
CA ASP A 578 -26.89 -7.57 15.19
C ASP A 578 -27.19 -9.04 15.52
N PRO A 579 -26.27 -9.74 16.20
CA PRO A 579 -26.39 -11.21 16.32
C PRO A 579 -27.63 -11.69 17.04
N VAL A 580 -28.27 -10.86 17.87
CA VAL A 580 -29.48 -11.29 18.57
C VAL A 580 -30.70 -10.55 18.02
N ASN A 581 -30.62 -10.13 16.76
CA ASN A 581 -31.72 -9.52 16.02
C ASN A 581 -32.05 -8.10 16.46
N VAL A 582 -31.18 -7.45 17.23
CA VAL A 582 -31.36 -6.04 17.53
C VAL A 582 -31.05 -5.23 16.27
N ILE A 583 -31.97 -4.36 15.88
CA ILE A 583 -31.79 -3.52 14.70
C ILE A 583 -31.00 -2.28 15.11
N ALA A 584 -29.81 -2.11 14.54
CA ALA A 584 -28.87 -1.08 14.97
C ALA A 584 -29.03 0.23 14.21
N ALA A 585 -29.43 0.19 12.94
CA ALA A 585 -29.53 1.41 12.16
C ALA A 585 -30.32 1.15 10.89
N THR A 586 -30.94 2.21 10.37
CA THR A 586 -31.70 2.15 9.13
C THR A 586 -31.61 3.49 8.44
N TYR A 587 -31.45 3.47 7.11
CA TYR A 587 -31.37 4.70 6.35
C TYR A 587 -31.61 4.42 4.87
N ASP A 588 -32.08 5.44 4.16
CA ASP A 588 -32.27 5.39 2.72
C ASP A 588 -31.09 6.08 2.03
N ILE A 589 -30.88 5.72 0.77
CA ILE A 589 -29.80 6.28 -0.04
C ILE A 589 -30.24 6.36 -1.48
N LEU A 590 -29.92 7.48 -2.13
CA LEU A 590 -30.23 7.69 -3.54
C LEU A 590 -29.12 7.11 -4.40
N ILE A 591 -29.50 6.28 -5.37
CA ILE A 591 -28.56 5.68 -6.31
C ILE A 591 -28.77 6.37 -7.65
N GLU A 592 -27.92 7.34 -7.96
CA GLU A 592 -28.05 8.08 -9.20
C GLU A 592 -27.64 7.21 -10.39
N SER A 593 -28.16 7.57 -11.57
CA SER A 593 -27.97 6.73 -12.75
C SER A 593 -26.51 6.56 -13.12
N THR A 594 -25.62 7.43 -12.65
CA THR A 594 -24.20 7.30 -12.92
C THR A 594 -23.43 6.62 -11.79
N ALA A 595 -24.06 6.42 -10.64
CA ALA A 595 -23.36 5.84 -9.49
C ALA A 595 -22.89 4.42 -9.81
N GLU A 596 -21.66 4.12 -9.41
CA GLU A 596 -21.08 2.79 -9.53
C GLU A 596 -20.80 2.14 -8.19
N PHE A 597 -20.38 2.91 -7.19
CA PHE A 597 -20.17 2.43 -5.84
C PHE A 597 -20.75 3.43 -4.85
N THR A 598 -21.35 2.92 -3.78
CA THR A 598 -21.79 3.73 -2.66
C THR A 598 -21.32 3.08 -1.37
N HIS A 599 -21.07 3.91 -0.36
CA HIS A 599 -20.61 3.39 0.91
C HIS A 599 -20.95 4.39 2.01
N TYR A 600 -21.04 3.87 3.23
CA TYR A 600 -21.41 4.69 4.38
C TYR A 600 -21.04 3.95 5.65
N LYS A 601 -20.60 4.70 6.67
CA LYS A 601 -20.20 4.13 7.95
C LYS A 601 -21.18 4.60 9.02
N PRO A 602 -22.15 3.78 9.43
CA PRO A 602 -23.12 4.24 10.41
C PRO A 602 -22.47 4.51 11.75
N PRO A 603 -22.92 5.52 12.50
CA PRO A 603 -22.33 5.79 13.82
C PRO A 603 -22.86 4.87 14.89
N LEU A 604 -22.20 3.74 15.12
CA LEU A 604 -22.67 2.73 16.04
C LEU A 604 -21.88 2.79 17.33
N ASN A 605 -22.58 2.90 18.46
CA ASN A 605 -21.93 2.91 19.76
C ASN A 605 -21.18 1.60 19.97
N LEU A 606 -20.06 1.69 20.69
CA LEU A 606 -19.16 0.58 20.91
C LEU A 606 -19.23 0.11 22.35
N PRO A 607 -18.85 -1.16 22.63
CA PRO A 607 -18.46 -2.18 21.66
C PRO A 607 -19.64 -2.84 20.95
N LEU A 608 -19.38 -3.40 19.76
CA LEU A 608 -20.39 -4.15 19.03
C LEU A 608 -20.54 -5.54 19.62
N ARG A 609 -21.77 -6.02 19.69
CA ARG A 609 -22.03 -7.36 20.20
C ARG A 609 -21.36 -8.39 19.29
N PRO A 610 -20.57 -9.32 19.82
CA PRO A 610 -19.89 -10.28 18.94
C PRO A 610 -20.88 -11.27 18.34
N GLY A 611 -20.52 -11.78 17.17
CA GLY A 611 -21.32 -12.76 16.46
C GLY A 611 -21.49 -12.36 15.01
N VAL A 612 -22.41 -13.03 14.34
CA VAL A 612 -22.66 -12.81 12.91
C VAL A 612 -23.73 -11.73 12.77
N TRP A 613 -23.34 -10.60 12.19
CA TRP A 613 -24.25 -9.52 11.83
C TRP A 613 -24.81 -9.73 10.42
N THR A 614 -25.93 -9.06 10.14
CA THR A 614 -26.55 -9.11 8.82
C THR A 614 -26.86 -7.69 8.35
N VAL A 615 -26.67 -7.45 7.05
CA VAL A 615 -27.01 -6.19 6.42
C VAL A 615 -27.98 -6.48 5.28
N LYS A 616 -29.13 -5.82 5.31
CA LYS A 616 -30.20 -6.05 4.35
C LYS A 616 -30.46 -4.79 3.54
N ILE A 617 -30.80 -4.99 2.27
CA ILE A 617 -31.17 -3.92 1.36
C ILE A 617 -32.57 -4.20 0.85
N LEU A 618 -33.45 -3.20 0.93
CA LEU A 618 -34.82 -3.34 0.48
C LEU A 618 -35.16 -2.23 -0.50
N HIS A 619 -36.19 -2.50 -1.29
CA HIS A 619 -36.77 -1.51 -2.19
C HIS A 619 -38.25 -1.38 -1.86
N HIS A 620 -38.61 -0.32 -1.17
CA HIS A 620 -40.00 -0.12 -0.74
C HIS A 620 -40.58 -1.39 -0.12
N TRP A 621 -39.86 -1.90 0.88
CA TRP A 621 -40.12 -3.12 1.66
C TRP A 621 -39.86 -4.39 0.89
N VAL A 622 -39.64 -4.33 -0.39
CA VAL A 622 -39.35 -5.54 -1.15
C VAL A 622 -37.90 -5.94 -0.90
N PRO A 623 -37.64 -7.16 -0.41
CA PRO A 623 -36.26 -7.64 -0.31
C PRO A 623 -35.52 -7.46 -1.62
N VAL A 624 -34.27 -7.05 -1.53
CA VAL A 624 -33.38 -7.00 -2.68
C VAL A 624 -32.19 -7.94 -2.51
N ALA A 625 -31.36 -7.72 -1.50
CA ALA A 625 -30.22 -8.59 -1.25
C ALA A 625 -29.81 -8.45 0.20
N GLU A 626 -28.90 -9.31 0.63
CA GLU A 626 -28.35 -9.24 1.98
C GLU A 626 -26.93 -9.79 1.97
N THR A 627 -26.16 -9.38 2.98
CA THR A 627 -24.84 -9.95 3.23
C THR A 627 -24.64 -10.06 4.73
N LYS A 628 -23.61 -10.81 5.11
CA LYS A 628 -23.29 -11.06 6.51
C LYS A 628 -21.82 -10.73 6.76
N PHE A 629 -21.49 -10.49 8.04
CA PHE A 629 -20.11 -10.27 8.43
C PHE A 629 -19.96 -10.64 9.90
N LEU A 630 -18.71 -10.92 10.30
CA LEU A 630 -18.41 -11.45 11.62
C LEU A 630 -17.69 -10.40 12.45
N VAL A 631 -18.26 -10.08 13.60
CA VAL A 631 -17.57 -9.36 14.67
C VAL A 631 -17.10 -10.43 15.65
N ALA A 632 -15.79 -10.68 15.69
CA ALA A 632 -15.27 -11.80 16.45
C ALA A 632 -14.97 -11.40 17.89
N PRO A 633 -15.24 -12.28 18.87
CA PRO A 633 -14.75 -12.03 20.22
C PRO A 633 -13.27 -12.29 20.30
N LEU A 634 -12.59 -11.51 21.14
CA LEU A 634 -11.14 -11.53 21.24
C LEU A 634 -10.70 -12.44 22.38
N THR A 635 -9.66 -13.23 22.13
CA THR A 635 -9.03 -14.06 23.14
C THR A 635 -7.76 -13.46 23.72
N PHE A 636 -7.28 -12.35 23.15
CA PHE A 636 -6.07 -11.68 23.62
C PHE A 636 -6.38 -10.26 24.03
N SER A 637 -5.63 -9.78 25.02
CA SER A 637 -5.69 -8.39 25.47
C SER A 637 -4.25 -7.93 25.65
N ASN A 638 -3.83 -6.95 24.84
CA ASN A 638 -2.43 -6.54 24.80
C ASN A 638 -1.50 -7.74 24.58
N ARG A 639 -1.92 -8.63 23.68
CA ARG A 639 -1.21 -9.85 23.32
C ARG A 639 -1.13 -10.85 24.47
N GLN A 640 -1.92 -10.65 25.53
CA GLN A 640 -2.00 -11.56 26.66
C GLN A 640 -3.38 -12.23 26.69
N PRO A 641 -3.49 -13.46 27.17
CA PRO A 641 -4.81 -14.08 27.31
C PRO A 641 -5.75 -13.17 28.10
N ILE A 642 -6.96 -12.98 27.58
CA ILE A 642 -7.87 -12.00 28.16
C ILE A 642 -8.41 -12.54 29.47
N LYS A 643 -8.62 -11.62 30.42
CA LYS A 643 -9.10 -11.96 31.76
C LYS A 643 -10.60 -11.76 31.87
N PRO A 644 -11.24 -12.40 32.84
CA PRO A 644 -12.71 -12.27 32.95
C PRO A 644 -13.21 -10.83 32.97
N GLU A 645 -12.63 -9.97 33.80
CA GLU A 645 -13.09 -8.60 33.90
C GLU A 645 -12.97 -7.86 32.56
N GLU A 646 -11.95 -8.21 31.76
CA GLU A 646 -11.80 -7.59 30.45
C GLU A 646 -12.80 -8.13 29.45
N ALA A 647 -13.01 -9.45 29.45
CA ALA A 647 -13.91 -10.06 28.47
C ALA A 647 -15.34 -9.59 28.65
N LEU A 648 -15.78 -9.42 29.91
CA LEU A 648 -17.17 -9.03 30.15
C LEU A 648 -17.43 -7.61 29.68
N LYS A 649 -16.46 -6.71 29.83
CA LYS A 649 -16.65 -5.33 29.42
C LYS A 649 -16.60 -5.18 27.90
N LEU A 650 -15.98 -6.13 27.19
CA LEU A 650 -15.78 -6.01 25.75
C LEU A 650 -16.79 -6.77 24.92
N HIS A 651 -17.41 -7.82 25.48
CA HIS A 651 -18.22 -8.76 24.69
C HIS A 651 -19.69 -8.72 25.03
N ASN A 652 -20.15 -7.74 25.81
CA ASN A 652 -21.53 -7.70 26.28
C ASN A 652 -22.36 -6.63 25.58
N GLY A 653 -21.87 -6.05 24.48
CA GLY A 653 -22.62 -5.04 23.77
C GLY A 653 -22.21 -3.64 24.17
N PRO A 654 -22.81 -2.64 23.51
CA PRO A 654 -22.32 -1.26 23.67
C PRO A 654 -22.38 -0.79 25.11
N LEU A 655 -21.55 0.21 25.40
CA LEU A 655 -21.52 0.82 26.73
C LEU A 655 -22.92 1.23 27.16
N ARG A 656 -23.59 2.03 26.35
CA ARG A 656 -25.02 2.24 26.53
C ARG A 656 -25.78 1.00 26.07
N ASN A 657 -27.08 0.99 26.34
CA ASN A 657 -27.92 -0.14 25.96
C ASN A 657 -28.37 -0.09 24.50
N ALA A 658 -27.84 0.85 23.71
CA ALA A 658 -28.31 1.06 22.35
C ALA A 658 -27.15 1.45 21.45
N TYR A 659 -27.28 1.10 20.16
CA TYR A 659 -26.27 1.44 19.18
C TYR A 659 -26.37 2.89 18.72
N MET A 660 -27.59 3.44 18.71
CA MET A 660 -27.80 4.85 18.38
C MET A 660 -28.88 5.40 19.30
N GLU A 661 -28.91 6.73 19.41
CA GLU A 661 -29.98 7.37 20.17
C GLU A 661 -31.35 6.99 19.61
N GLN A 662 -31.49 7.01 18.29
CA GLN A 662 -32.74 6.60 17.66
C GLN A 662 -32.91 5.09 17.76
N SER A 663 -34.14 4.66 18.03
CA SER A 663 -34.46 3.25 18.20
C SER A 663 -35.27 2.75 17.00
N PHE A 664 -35.26 1.42 16.83
CA PHE A 664 -35.96 0.79 15.71
C PHE A 664 -36.73 -0.45 16.13
N GLN A 665 -37.08 -0.57 17.41
CA GLN A 665 -37.80 -1.76 17.89
C GLN A 665 -39.10 -2.00 17.14
N SER A 666 -39.72 -0.95 16.61
CA SER A 666 -40.98 -1.10 15.88
C SER A 666 -40.79 -1.84 14.56
N LEU A 667 -39.57 -2.00 14.07
CA LEU A 667 -39.35 -2.73 12.82
C LEU A 667 -39.17 -4.23 12.98
N ASN A 668 -38.87 -4.74 14.18
CA ASN A 668 -38.64 -6.17 14.27
C ASN A 668 -39.83 -6.97 13.75
N PRO A 669 -41.10 -6.63 14.05
CA PRO A 669 -42.19 -7.45 13.51
C PRO A 669 -42.38 -7.29 12.02
N VAL A 670 -42.32 -6.06 11.49
CA VAL A 670 -42.54 -5.87 10.06
C VAL A 670 -41.56 -6.71 9.25
N LEU A 671 -40.30 -6.76 9.68
CA LEU A 671 -39.25 -7.50 9.00
C LEU A 671 -39.11 -8.94 9.46
N SER A 672 -39.98 -9.43 10.34
CA SER A 672 -39.86 -10.78 10.87
C SER A 672 -38.45 -11.03 11.43
N LEU A 673 -38.11 -10.24 12.46
CA LEU A 673 -36.83 -10.36 13.16
C LEU A 673 -37.09 -10.38 14.67
N PRO A 674 -37.82 -11.38 15.16
CA PRO A 674 -38.15 -11.40 16.59
C PRO A 674 -36.92 -11.62 17.44
N ILE A 675 -36.87 -10.95 18.60
CA ILE A 675 -35.77 -11.09 19.53
C ILE A 675 -36.09 -12.22 20.49
N ASN A 676 -35.29 -13.28 20.45
CA ASN A 676 -35.52 -14.45 21.27
C ASN A 676 -34.95 -14.23 22.68
N PRO A 677 -35.77 -14.26 23.73
CA PRO A 677 -35.20 -14.12 25.08
C PRO A 677 -34.11 -15.14 25.39
N ALA A 678 -34.25 -16.37 24.89
CA ALA A 678 -33.26 -17.41 25.16
C ALA A 678 -31.90 -17.03 24.58
N GLN A 679 -31.88 -16.61 23.32
CA GLN A 679 -30.61 -16.25 22.68
C GLN A 679 -29.98 -15.04 23.35
N VAL A 680 -30.78 -14.12 23.87
CA VAL A 680 -30.24 -12.95 24.55
C VAL A 680 -29.54 -13.37 25.84
N GLU A 681 -30.15 -14.28 26.60
CA GLU A 681 -29.52 -14.76 27.83
C GLU A 681 -28.21 -15.46 27.52
N GLN A 682 -28.20 -16.32 26.50
CA GLN A 682 -26.98 -17.05 26.16
C GLN A 682 -25.88 -16.10 25.70
N ALA A 683 -26.23 -15.04 24.97
CA ALA A 683 -25.22 -14.07 24.54
C ALA A 683 -24.58 -13.39 25.74
N ARG A 684 -25.36 -13.14 26.80
CA ARG A 684 -24.80 -12.58 28.03
C ARG A 684 -23.90 -13.59 28.72
N ARG A 685 -24.29 -14.86 28.73
CA ARG A 685 -23.43 -15.91 29.26
C ARG A 685 -22.11 -15.97 28.50
N ASN A 686 -22.17 -15.96 27.16
CA ASN A 686 -20.96 -15.99 26.36
C ASN A 686 -20.05 -14.81 26.70
N ALA A 687 -20.65 -13.66 26.99
CA ALA A 687 -19.86 -12.45 27.23
C ALA A 687 -18.93 -12.61 28.43
N ALA A 688 -19.26 -13.48 29.37
CA ALA A 688 -18.47 -13.65 30.58
C ALA A 688 -17.45 -14.77 30.48
N SER A 689 -17.39 -15.48 29.36
CA SER A 689 -16.54 -16.66 29.26
C SER A 689 -15.10 -16.28 28.94
N THR A 690 -14.18 -17.13 29.34
CA THR A 690 -12.76 -16.98 29.05
C THR A 690 -12.16 -18.36 28.82
N GLY A 691 -10.87 -18.37 28.49
CA GLY A 691 -10.15 -19.64 28.38
C GLY A 691 -10.81 -20.59 27.40
N THR A 692 -11.05 -21.81 27.87
CA THR A 692 -11.54 -22.87 26.98
C THR A 692 -12.93 -22.54 26.45
N ALA A 693 -13.82 -22.07 27.30
CA ALA A 693 -15.18 -21.77 26.86
C ALA A 693 -15.19 -20.67 25.81
N LEU A 694 -14.35 -19.65 25.98
CA LEU A 694 -14.30 -18.56 25.01
C LEU A 694 -13.73 -19.05 23.68
N GLU A 695 -12.72 -19.93 23.72
CA GLU A 695 -12.16 -20.49 22.49
C GLU A 695 -13.21 -21.27 21.72
N GLY A 696 -14.04 -22.05 22.42
CA GLY A 696 -15.11 -22.79 21.75
C GLY A 696 -16.13 -21.87 21.11
N TRP A 697 -16.45 -20.76 21.78
CA TRP A 697 -17.38 -19.78 21.21
C TRP A 697 -16.80 -19.15 19.95
N LEU A 698 -15.54 -18.70 20.03
CA LEU A 698 -14.89 -18.10 18.86
C LEU A 698 -14.83 -19.09 17.70
N ASP A 699 -14.25 -20.26 17.93
CA ASP A 699 -14.04 -21.21 16.84
C ASP A 699 -15.37 -21.67 16.24
N SER A 700 -16.43 -21.71 17.06
CA SER A 700 -17.76 -21.99 16.53
C SER A 700 -18.18 -20.92 15.53
N LEU A 701 -17.88 -19.65 15.82
CA LEU A 701 -18.27 -18.58 14.90
C LEU A 701 -17.40 -18.57 13.65
N VAL A 702 -16.08 -18.76 13.81
CA VAL A 702 -15.19 -18.76 12.66
C VAL A 702 -15.52 -19.92 11.74
N GLY A 703 -15.79 -21.09 12.31
CA GLY A 703 -16.12 -22.26 11.50
C GLY A 703 -17.38 -22.09 10.68
N GLY A 704 -18.28 -21.20 11.09
CA GLY A 704 -19.47 -20.91 10.32
C GLY A 704 -19.27 -19.91 9.20
N MET A 705 -18.16 -19.17 9.21
CA MET A 705 -17.89 -18.16 8.20
C MET A 705 -16.64 -18.44 7.38
N TRP A 706 -15.82 -19.42 7.77
CA TRP A 706 -14.59 -19.75 7.07
C TRP A 706 -14.49 -21.25 6.91
N THR A 707 -13.84 -21.68 5.82
CA THR A 707 -13.61 -23.08 5.54
C THR A 707 -12.11 -23.34 5.46
N ALA A 708 -11.66 -24.38 6.15
CA ALA A 708 -10.29 -24.87 6.01
C ALA A 708 -10.23 -25.71 4.73
N MET A 709 -9.62 -25.14 3.69
CA MET A 709 -9.63 -25.77 2.38
C MET A 709 -8.63 -26.92 2.29
N ASP A 710 -7.50 -26.81 2.98
CA ASP A 710 -6.45 -27.82 2.89
C ASP A 710 -5.36 -27.46 3.90
N ILE A 711 -4.53 -28.44 4.20
CA ILE A 711 -3.39 -28.24 5.10
C ILE A 711 -2.26 -29.16 4.64
N CYS A 712 -1.03 -28.66 4.68
CA CYS A 712 0.14 -29.38 4.21
C CYS A 712 1.25 -29.28 5.24
N ALA A 713 2.22 -30.19 5.13
CA ALA A 713 3.40 -30.22 5.98
C ALA A 713 4.61 -29.73 5.20
N THR A 714 5.44 -28.92 5.85
CA THR A 714 6.64 -28.38 5.20
C THR A 714 7.82 -29.34 5.26
N GLY A 715 7.84 -30.25 6.23
CA GLY A 715 8.87 -31.26 6.32
C GLY A 715 8.26 -32.64 6.53
N PRO A 716 9.02 -33.56 7.11
CA PRO A 716 8.47 -34.90 7.36
C PRO A 716 7.28 -34.84 8.30
N THR A 717 6.34 -35.76 8.09
CA THR A 717 5.10 -35.80 8.88
C THR A 717 4.70 -37.25 9.10
N ALA A 718 3.97 -37.48 10.19
CA ALA A 718 3.40 -38.79 10.49
C ALA A 718 1.95 -38.92 10.07
N CYS A 719 1.33 -37.86 9.58
CA CYS A 719 -0.05 -37.93 9.09
C CYS A 719 -0.05 -38.46 7.66
N PRO A 720 -0.65 -39.63 7.39
CA PRO A 720 -0.48 -40.25 6.05
C PRO A 720 -1.19 -39.51 4.93
N VAL A 721 -2.21 -38.71 5.23
CA VAL A 721 -2.96 -38.01 4.18
C VAL A 721 -2.44 -36.61 3.93
N MET A 722 -1.41 -36.18 4.64
CA MET A 722 -0.89 -34.82 4.50
C MET A 722 0.10 -34.76 3.35
N GLN A 723 -0.14 -33.85 2.42
CA GLN A 723 0.76 -33.62 1.29
C GLN A 723 1.89 -32.68 1.72
N THR A 724 2.99 -32.75 0.99
CA THR A 724 4.12 -31.85 1.23
C THR A 724 3.83 -30.49 0.57
N CYS A 725 4.11 -29.42 1.30
CA CYS A 725 3.69 -28.09 0.85
C CYS A 725 4.31 -27.74 -0.49
N SER A 726 5.57 -28.13 -0.72
CA SER A 726 6.23 -27.80 -1.97
C SER A 726 5.59 -28.49 -3.17
N GLN A 727 4.79 -29.53 -2.95
CA GLN A 727 4.16 -30.28 -4.02
C GLN A 727 2.70 -29.87 -4.25
N THR A 728 2.19 -28.92 -3.50
CA THR A 728 0.85 -28.41 -3.72
C THR A 728 0.86 -27.31 -4.78
N ALA A 729 -0.33 -26.87 -5.16
CA ALA A 729 -0.47 -25.75 -6.07
C ALA A 729 -0.71 -24.42 -5.35
N TRP A 730 -1.11 -24.46 -4.08
CA TRP A 730 -1.54 -23.26 -3.36
C TRP A 730 -0.55 -22.77 -2.30
N SER A 731 0.36 -23.61 -1.85
CA SER A 731 1.22 -23.23 -0.74
C SER A 731 2.20 -22.13 -1.14
N SER A 732 2.57 -21.31 -0.16
CA SER A 732 3.63 -20.33 -0.36
C SER A 732 5.00 -20.97 -0.54
N PHE A 733 5.10 -22.27 -0.29
CA PHE A 733 6.31 -23.05 -0.56
C PHE A 733 6.32 -23.67 -1.95
N SER A 734 5.20 -23.65 -2.67
CA SER A 734 5.16 -24.23 -4.00
C SER A 734 5.93 -23.35 -5.00
N PRO A 735 6.31 -23.91 -6.15
CA PRO A 735 7.17 -23.14 -7.07
C PRO A 735 6.46 -21.93 -7.67
N ASP A 736 7.21 -20.84 -7.80
CA ASP A 736 6.70 -19.57 -8.32
C ASP A 736 7.76 -18.94 -9.21
N PRO A 737 8.04 -19.54 -10.36
CA PRO A 737 9.20 -19.11 -11.17
C PRO A 737 9.16 -17.67 -11.65
N LYS A 738 7.98 -17.06 -11.78
CA LYS A 738 7.92 -15.69 -12.29
C LYS A 738 8.52 -14.68 -11.33
N SER A 739 8.67 -15.03 -10.04
CA SER A 739 9.24 -14.13 -9.06
C SER A 739 10.55 -14.64 -8.47
N GLU A 740 11.09 -15.74 -9.01
CA GLU A 740 12.31 -16.35 -8.50
C GLU A 740 13.52 -15.86 -9.29
N LEU A 741 14.60 -15.59 -8.58
CA LEU A 741 15.80 -14.99 -9.15
C LEU A 741 16.95 -15.99 -9.09
N GLY A 742 17.51 -16.34 -10.25
CA GLY A 742 18.55 -17.34 -10.31
C GLY A 742 19.87 -16.82 -10.86
N ALA A 743 20.57 -17.67 -11.60
CA ALA A 743 21.89 -17.33 -12.10
C ALA A 743 21.81 -16.45 -13.34
N VAL A 744 22.81 -15.57 -13.50
CA VAL A 744 22.85 -14.69 -14.65
C VAL A 744 23.15 -15.49 -15.91
N LYS A 745 22.46 -15.16 -16.99
CA LYS A 745 22.53 -15.90 -18.24
C LYS A 745 23.59 -15.32 -19.17
N PRO A 746 24.01 -16.08 -20.19
CA PRO A 746 25.04 -15.57 -21.11
C PRO A 746 24.76 -14.19 -21.66
N ASP A 747 23.50 -13.83 -21.87
CA ASP A 747 23.16 -12.50 -22.36
C ASP A 747 23.15 -11.44 -21.28
N GLY A 748 23.51 -11.79 -20.05
CA GLY A 748 23.54 -10.84 -18.96
C GLY A 748 22.20 -10.57 -18.30
N ARG A 749 21.20 -11.39 -18.58
CA ARG A 749 19.84 -11.17 -18.11
C ARG A 749 19.43 -12.23 -17.11
N LEU A 750 18.32 -11.95 -16.41
CA LEU A 750 17.67 -12.94 -15.56
C LEU A 750 16.33 -13.41 -16.12
N ARG A 751 15.75 -12.68 -17.07
CA ARG A 751 14.44 -13.02 -17.61
C ARG A 751 14.57 -13.76 -18.93
N GLN B 1 -0.84 12.13 -20.74
CA GLN B 1 -1.93 12.91 -21.31
C GLN B 1 -2.40 13.98 -20.34
N GLU B 2 -2.47 13.63 -19.05
CA GLU B 2 -2.95 14.52 -18.01
C GLU B 2 -1.80 15.32 -17.42
N PRO B 3 -2.09 16.42 -16.73
CA PRO B 3 -1.02 17.21 -16.11
C PRO B 3 -0.39 16.49 -14.95
N GLU B 4 0.83 16.90 -14.61
CA GLU B 4 1.58 16.32 -13.50
C GLU B 4 1.49 17.22 -12.27
N GLY B 5 1.84 16.64 -11.13
CA GLY B 5 1.78 17.34 -9.84
C GLY B 5 0.78 16.66 -8.92
N SER B 6 1.24 16.30 -7.73
CA SER B 6 0.42 15.55 -6.78
C SER B 6 -0.29 16.43 -5.76
N GLY B 7 0.00 17.74 -5.74
CA GLY B 7 -0.66 18.62 -4.79
C GLY B 7 -2.07 18.96 -5.24
N GLY B 8 -3.00 18.92 -4.29
CA GLY B 8 -4.40 19.16 -4.59
C GLY B 8 -5.02 20.33 -3.86
N GLY B 9 -4.19 21.16 -3.24
CA GLY B 9 -4.67 22.36 -2.58
C GLY B 9 -4.84 22.19 -1.08
N GLN B 10 -5.32 23.27 -0.47
CA GLN B 10 -5.40 23.34 0.99
C GLN B 10 -6.54 22.49 1.53
N GLY B 11 -7.65 22.42 0.81
CA GLY B 11 -8.80 21.65 1.24
C GLY B 11 -10.00 22.51 1.60
P PO4 C . 2.81 6.69 -4.70
O1 PO4 C . 3.66 5.46 -4.91
O2 PO4 C . 3.50 7.62 -3.74
O3 PO4 C . 2.59 7.39 -6.02
O4 PO4 C . 1.47 6.28 -4.12
P PO4 D . 5.09 -2.80 6.63
O1 PO4 D . 6.06 -3.96 6.77
O2 PO4 D . 5.33 -1.80 7.74
O3 PO4 D . 5.28 -2.13 5.29
O4 PO4 D . 3.67 -3.32 6.74
NA NA E . 25.59 -7.24 -3.74
#